data_3ANN
#
_entry.id   3ANN
#
_cell.length_a   182.627
_cell.length_b   59.279
_cell.length_c   87.208
_cell.angle_alpha   90.00
_cell.angle_beta   90.00
_cell.angle_gamma   90.00
#
_symmetry.space_group_name_H-M   'P 21 21 2'
#
loop_
_entity.id
_entity.type
_entity.pdbx_description
1 polymer '1-deoxy-D-xylulose 5-phosphate reductoisomerase'
2 non-polymer 'NADPH DIHYDRO-NICOTINAMIDE-ADENINE-DINUCLEOTIDE PHOSPHATE'
3 non-polymer '(quinolin-2-ylmethyl)phosphonic acid'
4 water water
#
_entity_poly.entity_id   1
_entity_poly.type   'polypeptide(L)'
_entity_poly.pdbx_seq_one_letter_code
;MRGSHHHHHHGKQLTILGSTGSIGCSTLDVVRHNPEHFRVVALVAGKNVTRMVEQCLEFSPRYAVMDDEASAKLLKTMLQ
QQGSRTEVLSGQQAACDMAALEDVDQVMAAIVGAAGLLPTLAAIRAGKTILLANKESLVTCGRLFMDAVKQSKAQLLPVD
SEHNAIFQSLPQPIQHNLGYADLEQNGVVSILLTGSGGPFRETPLRDLATMTPDQACRHPNWSMGRKISVDSATMMNKGL
EYIEARWLFNASASQMEVLIHPQSVIHSMVRYQDGSVLAQLGEPDMRTPIAHTMAWPNRVNSGVKPLDFCKLSALTFAAP
DYDRYPCLKLAMEAFEQGQAATTALNAANEITVAAFLAQQIRFTDIAALNLSVLEKMDMREPQCVDDVLSVDANAREVAR
KEVMRLASSACDLGTPGRPA
;
_entity_poly.pdbx_strand_id   A,B
#
loop_
_chem_comp.id
_chem_comp.type
_chem_comp.name
_chem_comp.formula
NDP non-polymer 'NADPH DIHYDRO-NICOTINAMIDE-ADENINE-DINUCLEOTIDE PHOSPHATE' 'C21 H30 N7 O17 P3'
SYE non-polymer '(quinolin-2-ylmethyl)phosphonic acid' 'C10 H10 N O3 P'
#
# COMPACT_ATOMS: atom_id res chain seq x y z
N GLY A 11 -20.84 18.20 -7.86
CA GLY A 11 -21.49 16.89 -8.18
C GLY A 11 -20.81 16.27 -9.40
N LYS A 12 -20.42 15.01 -9.29
CA LYS A 12 -19.97 14.22 -10.44
C LYS A 12 -21.22 13.64 -11.09
N GLN A 13 -21.40 13.86 -12.39
CA GLN A 13 -22.53 13.32 -13.13
C GLN A 13 -22.16 11.99 -13.72
N LEU A 14 -23.00 10.99 -13.52
CA LEU A 14 -22.65 9.66 -13.99
C LEU A 14 -23.64 8.95 -14.90
N THR A 15 -23.06 8.16 -15.80
CA THR A 15 -23.77 7.13 -16.52
C THR A 15 -23.35 5.77 -15.97
N ILE A 16 -24.32 4.93 -15.62
CA ILE A 16 -24.06 3.56 -15.22
C ILE A 16 -24.51 2.63 -16.31
N LEU A 17 -23.53 1.98 -16.94
CA LEU A 17 -23.77 0.99 -17.97
C LEU A 17 -23.88 -0.37 -17.27
N GLY A 18 -25.04 -1.00 -17.38
CA GLY A 18 -25.32 -2.24 -16.66
C GLY A 18 -25.71 -1.96 -15.22
N SER A 19 -26.68 -1.07 -15.03
CA SER A 19 -27.05 -0.59 -13.70
C SER A 19 -27.74 -1.63 -12.80
N THR A 20 -28.34 -2.62 -13.44
CA THR A 20 -29.22 -3.59 -12.75
C THR A 20 -28.48 -4.84 -12.29
N GLY A 21 -27.25 -5.06 -12.75
CA GLY A 21 -26.46 -6.18 -12.28
C GLY A 21 -25.73 -5.89 -10.95
N SER A 22 -24.84 -6.80 -10.58
CA SER A 22 -24.16 -6.71 -9.27
C SER A 22 -23.32 -5.43 -9.09
N ILE A 23 -22.46 -5.14 -10.06
CA ILE A 23 -21.62 -3.92 -9.99
C ILE A 23 -22.49 -2.64 -10.02
N GLY A 24 -23.47 -2.62 -10.92
CA GLY A 24 -24.40 -1.48 -11.01
C GLY A 24 -25.10 -1.17 -9.69
N CYS A 25 -25.65 -2.21 -9.05
CA CYS A 25 -26.32 -2.05 -7.75
C CYS A 25 -25.40 -1.58 -6.64
N SER A 26 -24.19 -2.14 -6.58
CA SER A 26 -23.20 -1.64 -5.62
C SER A 26 -22.82 -0.19 -5.89
N THR A 27 -22.67 0.21 -7.16
CA THR A 27 -22.34 1.62 -7.41
C THR A 27 -23.48 2.58 -6.95
N LEU A 28 -24.71 2.16 -7.13
CA LEU A 28 -25.88 2.94 -6.72
C LEU A 28 -25.96 3.03 -5.20
N ASP A 29 -25.49 2.00 -4.50
CA ASP A 29 -25.30 2.12 -3.02
C ASP A 29 -24.28 3.17 -2.61
N VAL A 30 -23.20 3.30 -3.37
CA VAL A 30 -22.24 4.36 -3.10
C VAL A 30 -22.90 5.72 -3.38
N VAL A 31 -23.66 5.84 -4.47
CA VAL A 31 -24.36 7.10 -4.80
C VAL A 31 -25.30 7.44 -3.63
N ARG A 32 -26.08 6.45 -3.23
CA ARG A 32 -26.97 6.49 -2.06
C ARG A 32 -26.31 7.01 -0.77
N HIS A 33 -25.09 6.55 -0.49
CA HIS A 33 -24.30 7.03 0.65
C HIS A 33 -23.79 8.47 0.46
N ASN A 34 -23.75 8.93 -0.79
CA ASN A 34 -23.11 10.20 -1.12
C ASN A 34 -23.92 11.07 -2.11
N PRO A 35 -25.20 11.36 -1.77
CA PRO A 35 -26.07 12.09 -2.71
C PRO A 35 -25.48 13.45 -3.10
N GLU A 36 -24.67 14.04 -2.22
CA GLU A 36 -24.10 15.36 -2.48
C GLU A 36 -22.92 15.32 -3.43
N HIS A 37 -22.39 14.13 -3.71
CA HIS A 37 -21.18 14.03 -4.54
C HIS A 37 -21.43 13.50 -5.97
N PHE A 38 -22.51 12.76 -6.15
CA PHE A 38 -22.82 12.01 -7.39
C PHE A 38 -24.26 12.15 -7.79
N ARG A 39 -24.48 12.50 -9.06
CA ARG A 39 -25.83 12.62 -9.66
C ARG A 39 -25.91 11.62 -10.79
N VAL A 40 -26.90 10.74 -10.74
CA VAL A 40 -27.13 9.82 -11.84
C VAL A 40 -27.87 10.50 -13.02
N VAL A 41 -27.16 10.64 -14.15
CA VAL A 41 -27.69 11.18 -15.43
C VAL A 41 -28.39 10.10 -16.26
N ALA A 42 -27.80 8.91 -16.36
CA ALA A 42 -28.31 7.85 -17.20
C ALA A 42 -28.05 6.47 -16.65
N LEU A 43 -29.04 5.60 -16.78
CA LEU A 43 -28.96 4.20 -16.41
C LEU A 43 -29.21 3.35 -17.64
N VAL A 44 -28.41 2.31 -17.81
CA VAL A 44 -28.51 1.48 -18.98
C VAL A 44 -28.46 0.05 -18.50
N ALA A 45 -29.39 -0.79 -18.99
CA ALA A 45 -29.37 -2.21 -18.71
C ALA A 45 -29.88 -3.00 -19.92
N GLY A 46 -30.12 -4.29 -19.72
CA GLY A 46 -30.54 -5.18 -20.79
C GLY A 46 -32.04 -5.48 -20.76
N LYS A 47 -32.46 -6.26 -19.77
CA LYS A 47 -33.83 -6.78 -19.68
C LYS A 47 -34.51 -6.65 -18.29
N ASN A 48 -33.76 -6.26 -17.25
CA ASN A 48 -34.32 -6.25 -15.88
C ASN A 48 -35.16 -5.02 -15.62
N VAL A 49 -36.39 -5.08 -16.14
CA VAL A 49 -37.30 -3.95 -16.14
C VAL A 49 -37.63 -3.57 -14.71
N THR A 50 -37.96 -4.58 -13.91
CA THR A 50 -38.33 -4.41 -12.50
C THR A 50 -37.26 -3.69 -11.66
N ARG A 51 -36.02 -4.16 -11.73
CA ARG A 51 -34.92 -3.45 -11.07
C ARG A 51 -34.81 -2.03 -11.60
N MET A 52 -34.87 -1.90 -12.92
CA MET A 52 -34.69 -0.59 -13.58
C MET A 52 -35.71 0.45 -13.14
N VAL A 53 -36.98 0.04 -13.01
CA VAL A 53 -38.04 0.92 -12.45
C VAL A 53 -37.67 1.46 -11.07
N GLU A 54 -37.23 0.59 -10.17
CA GLU A 54 -36.85 1.00 -8.81
C GLU A 54 -35.71 2.00 -8.78
N GLN A 55 -34.70 1.73 -9.62
CA GLN A 55 -33.54 2.59 -9.71
C GLN A 55 -33.93 3.92 -10.28
N CYS A 56 -34.78 3.93 -11.32
CA CYS A 56 -35.23 5.20 -11.91
C CYS A 56 -36.06 6.04 -10.92
N LEU A 57 -36.88 5.37 -10.14
CA LEU A 57 -37.67 6.06 -9.09
C LEU A 57 -36.80 6.70 -7.98
N GLU A 58 -35.77 5.96 -7.53
CA GLU A 58 -34.89 6.46 -6.49
C GLU A 58 -33.93 7.53 -6.98
N PHE A 59 -33.39 7.36 -8.19
CA PHE A 59 -32.31 8.24 -8.62
C PHE A 59 -32.68 9.31 -9.64
N SER A 60 -33.87 9.20 -10.24
CA SER A 60 -34.36 10.21 -11.21
C SER A 60 -33.36 10.50 -12.33
N PRO A 61 -32.92 9.45 -13.05
CA PRO A 61 -31.99 9.75 -14.14
C PRO A 61 -32.71 10.56 -15.23
N ARG A 62 -31.99 11.39 -15.96
CA ARG A 62 -32.58 12.02 -17.15
C ARG A 62 -32.97 10.93 -18.16
N TYR A 63 -32.15 9.89 -18.28
CA TYR A 63 -32.38 8.82 -19.24
C TYR A 63 -32.28 7.43 -18.65
N ALA A 64 -33.06 6.52 -19.23
CA ALA A 64 -32.87 5.13 -18.97
C ALA A 64 -32.94 4.40 -20.30
N VAL A 65 -31.99 3.50 -20.55
CA VAL A 65 -32.05 2.70 -21.75
C VAL A 65 -32.04 1.24 -21.42
N MET A 66 -32.87 0.50 -22.14
CA MET A 66 -32.83 -0.95 -22.12
C MET A 66 -32.36 -1.42 -23.46
N ASP A 67 -31.46 -2.39 -23.46
CA ASP A 67 -30.98 -2.91 -24.72
C ASP A 67 -32.11 -3.59 -25.52
N ASP A 68 -32.90 -4.43 -24.83
CA ASP A 68 -34.02 -5.15 -25.40
C ASP A 68 -35.24 -4.21 -25.66
N GLU A 69 -35.75 -4.19 -26.90
CA GLU A 69 -36.81 -3.24 -27.28
C GLU A 69 -38.15 -3.43 -26.54
N ALA A 70 -38.53 -4.68 -26.27
CA ALA A 70 -39.78 -4.93 -25.53
C ALA A 70 -39.63 -4.50 -24.07
N SER A 71 -38.45 -4.71 -23.51
CA SER A 71 -38.14 -4.24 -22.16
C SER A 71 -38.19 -2.73 -22.08
N ALA A 72 -37.65 -2.03 -23.08
CA ALA A 72 -37.69 -0.58 -23.06
C ALA A 72 -39.13 -0.08 -23.10
N LYS A 73 -39.96 -0.76 -23.88
CA LYS A 73 -41.36 -0.36 -24.05
C LYS A 73 -42.15 -0.41 -22.72
N LEU A 74 -42.06 -1.55 -22.03
CA LEU A 74 -42.65 -1.75 -20.69
C LEU A 74 -42.13 -0.70 -19.70
N LEU A 75 -40.82 -0.47 -19.71
CA LEU A 75 -40.22 0.50 -18.83
C LEU A 75 -40.77 1.94 -19.08
N LYS A 76 -40.97 2.26 -20.36
CA LYS A 76 -41.47 3.58 -20.75
C LYS A 76 -42.83 3.88 -20.11
N THR A 77 -43.69 2.87 -20.09
CA THR A 77 -45.08 3.02 -19.62
C THR A 77 -45.24 3.03 -18.10
N MET A 78 -44.51 2.14 -17.43
CA MET A 78 -44.51 2.12 -15.97
C MET A 78 -43.93 3.39 -15.40
N LEU A 79 -42.86 3.90 -16.00
CA LEU A 79 -42.29 5.14 -15.49
C LEU A 79 -43.28 6.30 -15.63
N GLN A 80 -44.01 6.32 -16.74
CA GLN A 80 -45.06 7.31 -16.99
C GLN A 80 -46.15 7.24 -15.87
N GLN A 81 -46.75 6.06 -15.67
CA GLN A 81 -47.70 5.87 -14.57
C GLN A 81 -47.19 6.20 -13.16
N GLN A 82 -45.92 5.92 -12.87
CA GLN A 82 -45.37 6.16 -11.55
C GLN A 82 -44.87 7.60 -11.47
N GLY A 83 -45.21 8.36 -12.51
CA GLY A 83 -44.93 9.78 -12.58
C GLY A 83 -43.48 10.14 -12.74
N SER A 84 -42.70 9.18 -13.23
CA SER A 84 -41.28 9.43 -13.52
C SER A 84 -41.09 10.30 -14.77
N ARG A 85 -40.22 11.31 -14.66
CA ARG A 85 -39.84 12.14 -15.78
C ARG A 85 -38.62 11.62 -16.59
N THR A 86 -38.16 10.39 -16.31
CA THR A 86 -37.01 9.88 -17.05
C THR A 86 -37.41 9.39 -18.45
N GLU A 87 -36.62 9.81 -19.44
CA GLU A 87 -36.88 9.49 -20.81
C GLU A 87 -36.31 8.12 -21.17
N VAL A 88 -37.19 7.21 -21.61
CA VAL A 88 -36.81 5.81 -21.90
C VAL A 88 -36.38 5.60 -23.38
N LEU A 89 -35.21 4.97 -23.59
CA LEU A 89 -34.67 4.79 -24.93
C LEU A 89 -34.37 3.32 -25.08
N SER A 90 -34.08 2.85 -26.28
CA SER A 90 -33.81 1.43 -26.47
C SER A 90 -32.66 1.15 -27.44
N GLY A 91 -31.93 0.07 -27.20
CA GLY A 91 -30.97 -0.44 -28.18
C GLY A 91 -29.54 0.01 -27.91
N GLN A 92 -28.61 -0.53 -28.69
CA GLN A 92 -27.18 -0.34 -28.46
C GLN A 92 -26.69 1.08 -28.77
N GLN A 93 -27.20 1.70 -29.84
CA GLN A 93 -26.77 3.07 -30.15
C GLN A 93 -27.10 4.01 -29.02
N ALA A 94 -28.31 3.88 -28.46
CA ALA A 94 -28.74 4.69 -27.33
C ALA A 94 -27.83 4.47 -26.11
N ALA A 95 -27.46 3.20 -25.87
CA ALA A 95 -26.56 2.87 -24.79
C ALA A 95 -25.19 3.53 -24.97
N CYS A 96 -24.64 3.53 -26.19
CA CYS A 96 -23.36 4.21 -26.47
C CYS A 96 -23.48 5.74 -26.33
N ASP A 97 -24.61 6.29 -26.79
CA ASP A 97 -24.88 7.73 -26.61
C ASP A 97 -24.87 8.17 -25.15
N MET A 98 -25.42 7.35 -24.25
CA MET A 98 -25.42 7.69 -22.80
C MET A 98 -23.99 7.72 -22.28
N ALA A 99 -23.13 6.88 -22.86
CA ALA A 99 -21.74 6.79 -22.44
C ALA A 99 -20.97 8.02 -22.89
N ALA A 100 -21.53 8.71 -23.89
CA ALA A 100 -20.86 9.84 -24.50
C ALA A 100 -21.55 11.17 -24.19
N LEU A 101 -22.54 11.19 -23.30
CA LEU A 101 -23.25 12.45 -22.96
C LEU A 101 -22.32 13.59 -22.56
N GLU A 102 -22.55 14.75 -23.17
CA GLU A 102 -21.68 15.90 -22.96
C GLU A 102 -21.47 16.24 -21.47
N ASP A 103 -22.55 16.25 -20.70
CA ASP A 103 -22.53 16.66 -19.29
C ASP A 103 -22.06 15.56 -18.30
N VAL A 104 -21.97 14.32 -18.80
CA VAL A 104 -21.50 13.20 -17.98
C VAL A 104 -19.98 13.26 -17.70
N ASP A 105 -19.63 13.15 -16.43
CA ASP A 105 -18.22 13.08 -16.00
C ASP A 105 -17.61 11.64 -16.02
N GLN A 106 -18.33 10.68 -15.44
CA GLN A 106 -17.83 9.32 -15.31
C GLN A 106 -18.84 8.36 -15.78
N VAL A 107 -18.31 7.29 -16.35
CA VAL A 107 -19.14 6.20 -16.78
C VAL A 107 -18.73 4.90 -16.14
N MET A 108 -19.68 4.36 -15.40
CA MET A 108 -19.49 3.02 -14.81
C MET A 108 -19.73 2.01 -15.91
N ALA A 109 -18.64 1.38 -16.34
CA ALA A 109 -18.72 0.42 -17.44
C ALA A 109 -18.85 -0.99 -16.88
N ALA A 110 -20.11 -1.38 -16.65
CA ALA A 110 -20.44 -2.63 -15.94
C ALA A 110 -21.40 -3.57 -16.69
N ILE A 111 -21.49 -3.45 -18.01
CA ILE A 111 -22.20 -4.44 -18.82
C ILE A 111 -21.37 -5.70 -18.92
N VAL A 112 -21.98 -6.88 -18.82
CA VAL A 112 -21.27 -8.16 -19.00
C VAL A 112 -21.09 -8.55 -20.50
N GLY A 113 -19.95 -9.15 -20.87
CA GLY A 113 -19.84 -9.83 -22.16
C GLY A 113 -19.38 -8.90 -23.27
N ALA A 114 -19.30 -9.42 -24.49
CA ALA A 114 -18.96 -8.63 -25.67
C ALA A 114 -19.91 -7.44 -25.86
N ALA A 115 -21.14 -7.53 -25.35
CA ALA A 115 -22.07 -6.39 -25.42
C ALA A 115 -21.57 -5.18 -24.66
N GLY A 116 -20.61 -5.34 -23.75
CA GLY A 116 -20.03 -4.18 -23.07
C GLY A 116 -19.03 -3.38 -23.93
N LEU A 117 -18.54 -3.96 -25.02
CA LEU A 117 -17.49 -3.36 -25.83
C LEU A 117 -17.79 -1.95 -26.41
N LEU A 118 -18.85 -1.83 -27.22
CA LEU A 118 -19.10 -0.59 -27.93
C LEU A 118 -19.52 0.52 -26.97
N PRO A 119 -20.37 0.21 -25.95
CA PRO A 119 -20.66 1.31 -24.98
C PRO A 119 -19.44 1.77 -24.19
N THR A 120 -18.56 0.85 -23.78
CA THR A 120 -17.33 1.25 -23.10
C THR A 120 -16.45 2.08 -24.03
N LEU A 121 -16.27 1.61 -25.25
CA LEU A 121 -15.51 2.37 -26.25
C LEU A 121 -16.08 3.76 -26.51
N ALA A 122 -17.40 3.88 -26.51
CA ALA A 122 -18.05 5.19 -26.74
C ALA A 122 -17.59 6.17 -25.65
N ALA A 123 -17.58 5.71 -24.40
CA ALA A 123 -17.10 6.52 -23.27
C ALA A 123 -15.63 6.90 -23.44
N ILE A 124 -14.81 5.95 -23.82
CA ILE A 124 -13.39 6.22 -24.11
C ILE A 124 -13.23 7.28 -25.22
N ARG A 125 -13.88 7.09 -26.36
CA ARG A 125 -13.78 8.07 -27.48
C ARG A 125 -14.26 9.46 -27.09
N ALA A 126 -15.16 9.52 -26.11
CA ALA A 126 -15.70 10.80 -25.62
C ALA A 126 -14.81 11.45 -24.53
N GLY A 127 -13.68 10.80 -24.21
CA GLY A 127 -12.70 11.33 -23.24
C GLY A 127 -13.18 11.32 -21.80
N LYS A 128 -14.12 10.42 -21.48
CA LYS A 128 -14.70 10.38 -20.14
C LYS A 128 -13.76 9.72 -19.15
N THR A 129 -14.06 9.90 -17.87
CA THR A 129 -13.50 9.02 -16.86
C THR A 129 -14.26 7.67 -16.89
N ILE A 130 -13.58 6.58 -17.19
CA ILE A 130 -14.25 5.29 -17.22
C ILE A 130 -13.90 4.48 -15.97
N LEU A 131 -14.95 4.13 -15.21
CA LEU A 131 -14.84 3.17 -14.08
C LEU A 131 -14.98 1.81 -14.70
N LEU A 132 -13.84 1.18 -14.96
CA LEU A 132 -13.83 0.01 -15.82
C LEU A 132 -14.12 -1.28 -15.05
N ALA A 133 -15.26 -1.90 -15.35
CA ALA A 133 -15.54 -3.25 -14.82
C ALA A 133 -15.55 -4.34 -15.93
N ASN A 134 -16.21 -4.09 -17.05
CA ASN A 134 -16.41 -5.07 -18.13
C ASN A 134 -15.06 -5.79 -18.45
N LYS A 135 -15.01 -7.13 -18.32
CA LYS A 135 -13.76 -7.90 -18.54
C LYS A 135 -13.35 -7.90 -19.99
N GLU A 136 -14.33 -7.95 -20.88
CA GLU A 136 -14.00 -8.10 -22.30
C GLU A 136 -13.19 -6.93 -22.85
N SER A 137 -13.39 -5.75 -22.25
CA SER A 137 -12.72 -4.54 -22.72
C SER A 137 -11.23 -4.73 -22.89
N LEU A 138 -10.60 -5.28 -21.88
CA LEU A 138 -9.15 -5.40 -21.99
C LEU A 138 -8.72 -6.83 -22.27
N VAL A 139 -9.55 -7.82 -21.97
CA VAL A 139 -9.23 -9.22 -22.29
C VAL A 139 -9.24 -9.41 -23.82
N THR A 140 -10.18 -8.76 -24.50
CA THR A 140 -10.30 -8.94 -25.95
C THR A 140 -9.89 -7.72 -26.77
N CYS A 141 -10.07 -6.52 -26.23
CA CYS A 141 -9.74 -5.31 -26.99
C CYS A 141 -8.67 -4.46 -26.33
N GLY A 142 -7.77 -5.10 -25.59
CA GLY A 142 -6.80 -4.34 -24.77
C GLY A 142 -5.94 -3.38 -25.61
N ARG A 143 -5.46 -3.82 -26.77
CA ARG A 143 -4.64 -2.95 -27.62
C ARG A 143 -5.47 -1.81 -28.19
N LEU A 144 -6.65 -2.16 -28.70
CA LEU A 144 -7.53 -1.15 -29.29
C LEU A 144 -7.99 -0.11 -28.28
N PHE A 145 -8.32 -0.56 -27.08
CA PHE A 145 -8.83 0.33 -26.04
C PHE A 145 -7.73 1.18 -25.44
N MET A 146 -6.54 0.61 -25.20
CA MET A 146 -5.44 1.43 -24.66
C MET A 146 -4.94 2.46 -25.68
N ASP A 147 -4.92 2.08 -26.95
CA ASP A 147 -4.66 3.02 -28.05
C ASP A 147 -5.70 4.14 -28.06
N ALA A 148 -6.97 3.77 -27.92
CA ALA A 148 -8.07 4.76 -27.86
C ALA A 148 -7.96 5.68 -26.63
N VAL A 149 -7.70 5.13 -25.44
CA VAL A 149 -7.57 6.04 -24.30
C VAL A 149 -6.36 6.94 -24.44
N LYS A 150 -5.26 6.44 -25.02
CA LYS A 150 -4.11 7.30 -25.22
C LYS A 150 -4.44 8.48 -26.16
N GLN A 151 -5.19 8.18 -27.22
CA GLN A 151 -5.64 9.19 -28.18
C GLN A 151 -6.58 10.24 -27.58
N SER A 152 -7.61 9.84 -26.83
CA SER A 152 -8.56 10.79 -26.22
C SER A 152 -8.17 11.32 -24.86
N LYS A 153 -7.10 10.77 -24.30
CA LYS A 153 -6.73 10.99 -22.89
C LYS A 153 -7.89 10.75 -21.90
N ALA A 154 -8.70 9.73 -22.18
CA ALA A 154 -9.70 9.25 -21.23
C ALA A 154 -8.97 8.77 -19.98
N GLN A 155 -9.57 8.90 -18.81
CA GLN A 155 -8.98 8.35 -17.59
C GLN A 155 -9.63 7.01 -17.31
N LEU A 156 -8.84 5.93 -17.29
CA LEU A 156 -9.36 4.63 -16.82
C LEU A 156 -9.10 4.49 -15.33
N LEU A 157 -10.12 4.01 -14.62
CA LEU A 157 -10.01 3.69 -13.20
C LEU A 157 -10.58 2.29 -13.04
N PRO A 158 -9.72 1.30 -12.73
CA PRO A 158 -10.16 -0.08 -12.74
C PRO A 158 -10.95 -0.40 -11.47
N VAL A 159 -12.10 -1.01 -11.67
CA VAL A 159 -13.03 -1.32 -10.61
C VAL A 159 -12.75 -2.74 -10.05
N ASP A 160 -12.28 -3.65 -10.89
CA ASP A 160 -11.95 -5.01 -10.43
C ASP A 160 -11.02 -4.96 -9.17
N SER A 161 -11.32 -5.77 -8.15
CA SER A 161 -10.62 -5.67 -6.84
C SER A 161 -9.07 -5.67 -6.97
N GLU A 162 -8.56 -6.59 -7.75
CA GLU A 162 -7.10 -6.75 -7.95
C GLU A 162 -6.47 -5.58 -8.70
N HIS A 163 -7.11 -5.16 -9.80
CA HIS A 163 -6.59 -4.02 -10.56
C HIS A 163 -6.72 -2.72 -9.79
N ASN A 164 -7.78 -2.59 -9.02
CA ASN A 164 -7.95 -1.41 -8.19
C ASN A 164 -6.90 -1.35 -7.09
N ALA A 165 -6.60 -2.51 -6.48
CA ALA A 165 -5.56 -2.59 -5.46
C ALA A 165 -4.23 -2.19 -6.08
N ILE A 166 -3.91 -2.74 -7.24
CA ILE A 166 -2.66 -2.36 -7.97
C ILE A 166 -2.62 -0.84 -8.21
N PHE A 167 -3.73 -0.33 -8.73
CA PHE A 167 -3.81 1.11 -9.03
C PHE A 167 -3.55 1.97 -7.77
N GLN A 168 -4.20 1.63 -6.67
CA GLN A 168 -3.99 2.37 -5.40
C GLN A 168 -2.53 2.26 -4.91
N SER A 169 -1.85 1.18 -5.28
CA SER A 169 -0.47 0.94 -4.84
C SER A 169 0.57 1.48 -5.82
N LEU A 170 0.09 2.20 -6.82
CA LEU A 170 0.95 2.72 -7.89
C LEU A 170 1.22 4.23 -7.68
N PRO A 171 2.36 4.75 -8.17
CA PRO A 171 2.56 6.20 -7.92
C PRO A 171 1.66 7.12 -8.78
N GLN A 172 1.53 8.37 -8.34
CA GLN A 172 0.62 9.34 -8.94
C GLN A 172 0.85 9.57 -10.46
N PRO A 173 2.11 9.70 -10.94
CA PRO A 173 2.33 9.83 -12.41
C PRO A 173 1.81 8.67 -13.27
N ILE A 174 1.77 7.47 -12.69
CA ILE A 174 1.16 6.33 -13.38
C ILE A 174 -0.38 6.39 -13.28
N GLN A 175 -0.90 6.60 -12.07
CA GLN A 175 -2.34 6.73 -11.84
C GLN A 175 -2.95 7.70 -12.86
N HIS A 176 -2.31 8.87 -13.05
CA HIS A 176 -2.87 9.92 -13.94
C HIS A 176 -2.59 9.73 -15.43
N ASN A 177 -1.80 8.72 -15.79
CA ASN A 177 -1.40 8.49 -17.18
C ASN A 177 -1.48 6.99 -17.47
N LEU A 178 -2.60 6.42 -17.04
CA LEU A 178 -2.76 4.98 -16.91
C LEU A 178 -2.91 4.31 -18.25
N GLY A 179 -1.92 3.46 -18.58
CA GLY A 179 -1.86 2.79 -19.86
C GLY A 179 -0.63 3.24 -20.62
N TYR A 180 -0.21 4.47 -20.37
CA TYR A 180 0.82 5.18 -21.14
C TYR A 180 2.17 5.31 -20.42
N ALA A 181 2.11 5.64 -19.12
CA ALA A 181 3.30 5.82 -18.32
C ALA A 181 4.22 4.59 -18.28
N ASP A 182 5.52 4.85 -18.10
CA ASP A 182 6.51 3.82 -18.04
C ASP A 182 6.71 3.34 -16.59
N LEU A 183 6.50 2.04 -16.31
CA LEU A 183 6.72 1.51 -14.94
C LEU A 183 8.14 1.74 -14.44
N GLU A 184 9.11 1.27 -15.21
CA GLU A 184 10.52 1.44 -14.87
C GLU A 184 10.86 2.88 -14.47
N GLN A 185 10.49 3.85 -15.30
CA GLN A 185 10.91 5.25 -15.10
C GLN A 185 10.29 5.79 -13.82
N ASN A 186 9.27 5.08 -13.34
CA ASN A 186 8.53 5.52 -12.17
C ASN A 186 8.84 4.72 -10.92
N GLY A 187 9.95 3.95 -10.98
CA GLY A 187 10.46 3.20 -9.84
C GLY A 187 9.81 1.83 -9.60
N VAL A 188 8.97 1.39 -10.54
CA VAL A 188 8.16 0.16 -10.30
C VAL A 188 8.89 -0.98 -10.95
N VAL A 189 9.16 -2.03 -10.19
CA VAL A 189 9.84 -3.17 -10.78
C VAL A 189 8.84 -4.25 -11.27
N SER A 190 7.73 -4.43 -10.56
CA SER A 190 6.74 -5.39 -11.00
C SER A 190 5.39 -5.22 -10.31
N ILE A 191 4.40 -5.89 -10.89
CA ILE A 191 3.01 -5.88 -10.48
C ILE A 191 2.74 -7.29 -9.92
N LEU A 192 2.26 -7.36 -8.71
CA LEU A 192 2.06 -8.60 -8.01
C LEU A 192 0.56 -8.90 -7.97
N LEU A 193 0.11 -9.77 -8.86
CA LEU A 193 -1.30 -10.04 -9.01
C LEU A 193 -1.63 -11.27 -8.13
N THR A 194 -2.46 -11.09 -7.10
CA THR A 194 -2.79 -12.18 -6.15
C THR A 194 -4.14 -12.85 -6.49
N GLY A 195 -4.20 -14.17 -6.26
CA GLY A 195 -5.41 -14.98 -6.51
C GLY A 195 -5.58 -16.05 -5.43
N SER A 196 -6.81 -16.44 -5.14
CA SER A 196 -7.08 -17.38 -4.04
C SER A 196 -6.52 -18.75 -4.25
N GLY A 197 -6.33 -19.14 -5.52
CA GLY A 197 -6.01 -20.56 -5.84
C GLY A 197 -7.19 -21.53 -5.93
N GLY A 198 -8.39 -21.04 -5.60
CA GLY A 198 -9.61 -21.82 -5.84
C GLY A 198 -9.80 -22.95 -4.80
N PRO A 199 -10.88 -23.75 -4.93
CA PRO A 199 -11.12 -24.85 -3.97
C PRO A 199 -10.13 -26.01 -4.03
N PHE A 200 -9.40 -26.15 -5.14
CA PHE A 200 -8.54 -27.32 -5.35
C PHE A 200 -7.05 -27.02 -5.19
N ARG A 201 -6.75 -26.02 -4.37
CA ARG A 201 -5.38 -25.62 -4.16
C ARG A 201 -4.50 -26.78 -3.67
N GLU A 202 -5.07 -27.69 -2.88
CA GLU A 202 -4.31 -28.79 -2.30
C GLU A 202 -4.78 -30.19 -2.73
N THR A 203 -5.74 -30.24 -3.65
CA THR A 203 -6.23 -31.52 -4.20
C THR A 203 -5.12 -32.31 -4.92
N PRO A 204 -5.00 -33.63 -4.66
CA PRO A 204 -4.06 -34.39 -5.50
C PRO A 204 -4.34 -34.15 -6.99
N LEU A 205 -3.30 -33.92 -7.80
CA LEU A 205 -3.53 -33.59 -9.20
C LEU A 205 -4.37 -34.64 -9.94
N ARG A 206 -4.12 -35.92 -9.65
CA ARG A 206 -4.83 -37.00 -10.35
C ARG A 206 -6.33 -37.03 -10.01
N ASP A 207 -6.72 -36.36 -8.92
CA ASP A 207 -8.14 -36.24 -8.57
C ASP A 207 -8.92 -35.11 -9.30
N LEU A 208 -8.20 -34.24 -9.97
CA LEU A 208 -8.86 -33.12 -10.65
C LEU A 208 -9.82 -33.56 -11.75
N ALA A 209 -9.50 -34.65 -12.46
CA ALA A 209 -10.33 -35.12 -13.57
C ALA A 209 -11.74 -35.53 -13.15
N THR A 210 -11.93 -35.81 -11.86
CA THR A 210 -13.22 -36.30 -11.39
C THR A 210 -14.00 -35.34 -10.53
N MET A 211 -13.50 -34.12 -10.38
CA MET A 211 -14.21 -33.06 -9.67
C MET A 211 -15.51 -32.72 -10.34
N THR A 212 -16.56 -32.58 -9.54
CA THR A 212 -17.89 -32.34 -10.07
C THR A 212 -18.14 -30.83 -10.13
N PRO A 213 -19.16 -30.41 -10.90
CA PRO A 213 -19.51 -28.98 -10.92
C PRO A 213 -19.73 -28.44 -9.52
N ASP A 214 -20.49 -29.17 -8.71
CA ASP A 214 -20.74 -28.74 -7.33
C ASP A 214 -19.45 -28.55 -6.51
N GLN A 215 -18.48 -29.47 -6.68
CA GLN A 215 -17.20 -29.34 -6.01
C GLN A 215 -16.40 -28.12 -6.47
N ALA A 216 -16.33 -27.87 -7.78
CA ALA A 216 -15.58 -26.73 -8.32
C ALA A 216 -16.20 -25.41 -7.92
N CYS A 217 -17.52 -25.38 -7.72
CA CYS A 217 -18.21 -24.14 -7.37
C CYS A 217 -18.26 -23.88 -5.87
N ARG A 218 -17.72 -24.80 -5.06
CA ARG A 218 -17.77 -24.65 -3.62
C ARG A 218 -16.47 -24.01 -3.18
N HIS A 219 -16.31 -22.71 -3.43
CA HIS A 219 -15.18 -21.95 -2.89
C HIS A 219 -15.36 -22.10 -1.36
N PRO A 220 -14.30 -22.48 -0.61
CA PRO A 220 -14.01 -22.09 0.79
C PRO A 220 -14.09 -20.67 1.29
N ASN A 221 -14.02 -19.68 0.42
CA ASN A 221 -14.01 -18.35 0.96
C ASN A 221 -14.76 -17.35 0.11
N TRP A 222 -15.77 -17.84 -0.59
CA TRP A 222 -16.46 -17.01 -1.56
C TRP A 222 -17.83 -17.56 -1.80
N SER A 223 -18.75 -16.71 -2.18
CA SER A 223 -20.08 -17.17 -2.53
C SER A 223 -20.54 -16.45 -3.79
N MET A 224 -20.09 -16.94 -4.95
CA MET A 224 -20.35 -16.24 -6.23
C MET A 224 -20.96 -17.14 -7.26
N GLY A 225 -21.15 -16.62 -8.45
CA GLY A 225 -21.82 -17.36 -9.53
C GLY A 225 -21.00 -18.57 -9.99
N ARG A 226 -21.66 -19.54 -10.62
CA ARG A 226 -21.00 -20.79 -10.99
C ARG A 226 -19.84 -20.58 -11.99
N LYS A 227 -20.03 -19.74 -12.99
CA LYS A 227 -18.99 -19.58 -14.00
C LYS A 227 -17.67 -18.98 -13.44
N ILE A 228 -17.80 -17.89 -12.66
CA ILE A 228 -16.64 -17.27 -12.05
C ILE A 228 -15.98 -18.18 -11.00
N SER A 229 -16.80 -18.97 -10.30
CA SER A 229 -16.28 -19.91 -9.32
C SER A 229 -15.40 -20.99 -10.00
N VAL A 230 -15.85 -21.50 -11.15
CA VAL A 230 -15.01 -22.45 -11.92
C VAL A 230 -13.72 -21.80 -12.40
N ASP A 231 -13.81 -20.56 -12.90
CA ASP A 231 -12.60 -19.81 -13.31
C ASP A 231 -11.64 -19.58 -12.16
N SER A 232 -12.17 -19.43 -10.93
CA SER A 232 -11.33 -19.38 -9.75
C SER A 232 -10.59 -20.72 -9.52
N ALA A 233 -11.33 -21.84 -9.72
CA ALA A 233 -10.79 -23.19 -9.54
C ALA A 233 -9.69 -23.55 -10.54
N THR A 234 -9.81 -23.06 -11.77
CA THR A 234 -8.81 -23.30 -12.83
C THR A 234 -7.70 -22.26 -12.86
N MET A 235 -7.91 -21.19 -12.11
CA MET A 235 -7.16 -19.94 -12.23
C MET A 235 -7.22 -19.29 -13.64
N MET A 236 -8.24 -19.67 -14.39
CA MET A 236 -8.59 -18.88 -15.59
C MET A 236 -8.91 -17.44 -15.16
N ASN A 237 -9.59 -17.25 -14.04
CA ASN A 237 -9.90 -15.89 -13.60
C ASN A 237 -8.66 -15.02 -13.50
N LYS A 238 -7.62 -15.53 -12.85
CA LYS A 238 -6.35 -14.79 -12.74
C LYS A 238 -5.63 -14.67 -14.08
N GLY A 239 -5.76 -15.70 -14.92
CA GLY A 239 -5.20 -15.66 -16.28
C GLY A 239 -5.80 -14.47 -17.04
N LEU A 240 -7.12 -14.28 -16.92
CA LEU A 240 -7.76 -13.16 -17.64
C LEU A 240 -7.32 -11.82 -17.02
N GLU A 241 -7.21 -11.75 -15.70
CA GLU A 241 -6.74 -10.52 -15.04
C GLU A 241 -5.26 -10.22 -15.34
N TYR A 242 -4.44 -11.27 -15.52
CA TYR A 242 -3.07 -11.11 -16.04
C TYR A 242 -3.07 -10.34 -17.38
N ILE A 243 -3.95 -10.75 -18.28
CA ILE A 243 -4.07 -10.11 -19.60
C ILE A 243 -4.46 -8.64 -19.44
N GLU A 244 -5.52 -8.38 -18.67
CA GLU A 244 -5.97 -7.02 -18.40
C GLU A 244 -4.87 -6.15 -17.78
N ALA A 245 -4.17 -6.71 -16.79
CA ALA A 245 -3.13 -5.93 -16.06
C ALA A 245 -1.98 -5.56 -16.94
N ARG A 246 -1.58 -6.46 -17.85
CA ARG A 246 -0.50 -6.09 -18.74
C ARG A 246 -0.84 -4.91 -19.64
N TRP A 247 -2.08 -4.88 -20.16
CA TRP A 247 -2.61 -3.73 -20.89
C TRP A 247 -2.75 -2.49 -20.01
N LEU A 248 -3.56 -2.61 -18.97
CA LEU A 248 -3.86 -1.52 -18.06
C LEU A 248 -2.62 -0.83 -17.52
N PHE A 249 -1.65 -1.61 -17.05
CA PHE A 249 -0.48 -1.04 -16.39
C PHE A 249 0.78 -0.92 -17.25
N ASN A 250 0.67 -1.24 -18.53
CA ASN A 250 1.82 -1.21 -19.45
C ASN A 250 2.98 -2.07 -18.93
N ALA A 251 2.66 -3.32 -18.55
CA ALA A 251 3.61 -4.21 -17.92
C ALA A 251 4.03 -5.33 -18.87
N SER A 252 5.33 -5.58 -18.95
CA SER A 252 5.87 -6.67 -19.75
C SER A 252 5.72 -7.96 -18.97
N ALA A 253 6.10 -9.07 -19.60
CA ALA A 253 6.00 -10.34 -18.91
C ALA A 253 6.84 -10.38 -17.62
N SER A 254 8.04 -9.80 -17.67
CA SER A 254 8.94 -9.84 -16.53
C SER A 254 8.54 -8.84 -15.44
N GLN A 255 7.65 -7.91 -15.75
CA GLN A 255 7.07 -7.00 -14.75
C GLN A 255 5.76 -7.50 -14.09
N MET A 256 5.43 -8.77 -14.30
CA MET A 256 4.20 -9.41 -13.76
C MET A 256 4.60 -10.59 -12.90
N GLU A 257 3.98 -10.71 -11.72
CA GLU A 257 4.19 -11.86 -10.82
C GLU A 257 2.80 -12.27 -10.41
N VAL A 258 2.50 -13.58 -10.46
CA VAL A 258 1.18 -14.08 -10.02
C VAL A 258 1.49 -14.87 -8.75
N LEU A 259 0.78 -14.54 -7.69
CA LEU A 259 0.93 -15.21 -6.39
C LEU A 259 -0.39 -15.74 -5.96
N ILE A 260 -0.37 -16.97 -5.46
CA ILE A 260 -1.52 -17.47 -4.74
C ILE A 260 -1.54 -16.92 -3.32
N HIS A 261 -2.69 -16.41 -2.90
CA HIS A 261 -2.86 -15.85 -1.55
C HIS A 261 -4.23 -16.31 -1.12
N PRO A 262 -4.29 -17.45 -0.39
CA PRO A 262 -5.53 -18.16 -0.12
C PRO A 262 -6.62 -17.38 0.65
N GLN A 263 -6.21 -16.37 1.44
CA GLN A 263 -7.14 -15.69 2.33
C GLN A 263 -7.79 -14.49 1.66
N SER A 264 -7.22 -14.06 0.54
CA SER A 264 -7.75 -12.96 -0.26
C SER A 264 -7.88 -11.64 0.50
N VAL A 265 -7.02 -11.43 1.48
CA VAL A 265 -7.12 -10.23 2.31
C VAL A 265 -6.33 -9.12 1.64
N ILE A 266 -5.09 -9.42 1.26
CA ILE A 266 -4.35 -8.56 0.35
C ILE A 266 -5.01 -8.73 -1.03
N HIS A 267 -5.33 -7.62 -1.67
CA HIS A 267 -6.02 -7.69 -2.97
C HIS A 267 -5.10 -7.66 -4.19
N SER A 268 -3.88 -7.16 -4.01
CA SER A 268 -2.75 -7.22 -4.97
C SER A 268 -1.77 -6.16 -4.53
N MET A 269 -0.60 -6.14 -5.20
CA MET A 269 0.55 -5.38 -4.69
C MET A 269 1.42 -4.85 -5.84
N VAL A 270 2.31 -3.91 -5.49
CA VAL A 270 3.26 -3.35 -6.41
C VAL A 270 4.66 -3.34 -5.80
N ARG A 271 5.64 -3.83 -6.56
CA ARG A 271 7.01 -3.94 -6.06
C ARG A 271 7.86 -2.76 -6.62
N TYR A 272 8.60 -2.11 -5.73
CA TYR A 272 9.39 -0.95 -6.15
C TYR A 272 10.89 -1.19 -6.11
N GLN A 273 11.59 -0.32 -6.83
CA GLN A 273 13.03 -0.35 -7.02
C GLN A 273 13.87 -0.36 -5.73
N ASP A 274 13.36 0.26 -4.67
CA ASP A 274 14.08 0.32 -3.39
C ASP A 274 13.83 -0.85 -2.44
N GLY A 275 12.99 -1.80 -2.88
CA GLY A 275 12.63 -2.92 -2.03
C GLY A 275 11.21 -2.88 -1.49
N SER A 276 10.63 -1.67 -1.45
CA SER A 276 9.28 -1.48 -0.92
C SER A 276 8.29 -2.29 -1.76
N VAL A 277 7.27 -2.83 -1.09
CA VAL A 277 6.11 -3.39 -1.73
C VAL A 277 4.91 -2.67 -1.15
N LEU A 278 4.05 -2.13 -2.02
CA LEU A 278 2.87 -1.46 -1.54
C LEU A 278 1.71 -2.40 -1.83
N ALA A 279 0.78 -2.47 -0.89
CA ALA A 279 -0.37 -3.39 -1.00
C ALA A 279 -1.69 -2.70 -0.61
N GLN A 280 -2.79 -3.19 -1.15
CA GLN A 280 -4.12 -2.76 -0.68
C GLN A 280 -4.78 -4.01 -0.11
N LEU A 281 -5.40 -3.84 1.06
CA LEU A 281 -6.11 -4.89 1.76
C LEU A 281 -7.50 -4.39 2.03
N GLY A 282 -8.45 -5.31 2.21
CA GLY A 282 -9.76 -4.86 2.71
C GLY A 282 -10.71 -6.01 2.83
N GLU A 283 -11.94 -5.70 3.21
CA GLU A 283 -13.03 -6.69 3.22
C GLU A 283 -13.32 -7.09 1.78
N PRO A 284 -13.93 -8.28 1.55
CA PRO A 284 -14.30 -8.55 0.17
C PRO A 284 -15.64 -7.96 -0.12
N ASP A 285 -15.69 -6.66 -0.39
CA ASP A 285 -16.94 -6.01 -0.71
C ASP A 285 -16.59 -5.08 -1.89
N MET A 286 -17.24 -5.28 -3.05
CA MET A 286 -16.99 -4.44 -4.25
C MET A 286 -17.27 -2.96 -4.09
N ARG A 287 -18.04 -2.55 -3.09
CA ARG A 287 -18.22 -1.11 -2.88
C ARG A 287 -16.93 -0.38 -2.53
N THR A 288 -15.96 -1.04 -1.90
CA THR A 288 -14.65 -0.39 -1.69
C THR A 288 -13.97 0.12 -3.00
N PRO A 289 -13.57 -0.80 -3.92
CA PRO A 289 -12.95 -0.34 -5.19
C PRO A 289 -13.88 0.56 -6.04
N ILE A 290 -15.19 0.28 -6.07
CA ILE A 290 -16.13 1.19 -6.76
C ILE A 290 -16.06 2.62 -6.18
N ALA A 291 -16.14 2.75 -4.86
CA ALA A 291 -16.08 4.07 -4.19
C ALA A 291 -14.73 4.69 -4.40
N HIS A 292 -13.68 3.87 -4.38
CA HIS A 292 -12.36 4.43 -4.68
C HIS A 292 -12.32 5.14 -6.07
N THR A 293 -12.82 4.46 -7.09
CA THR A 293 -12.79 4.98 -8.49
C THR A 293 -13.73 6.19 -8.62
N MET A 294 -14.90 6.10 -8.02
CA MET A 294 -15.84 7.22 -8.04
C MET A 294 -15.29 8.51 -7.40
N ALA A 295 -14.63 8.39 -6.23
CA ALA A 295 -14.08 9.59 -5.54
C ALA A 295 -12.70 10.03 -5.96
N TRP A 296 -11.90 9.15 -6.58
CA TRP A 296 -10.52 9.49 -6.96
C TRP A 296 -10.36 10.89 -7.56
N PRO A 297 -9.37 11.67 -7.11
CA PRO A 297 -8.27 11.33 -6.19
C PRO A 297 -8.59 11.49 -4.70
N ASN A 298 -9.87 11.68 -4.38
CA ASN A 298 -10.33 11.80 -2.99
C ASN A 298 -10.98 10.50 -2.55
N ARG A 299 -11.63 10.51 -1.39
CA ARG A 299 -12.27 9.34 -0.80
C ARG A 299 -13.68 9.67 -0.32
N VAL A 300 -14.51 8.65 -0.19
CA VAL A 300 -15.91 8.80 0.15
C VAL A 300 -16.25 7.56 1.02
N ASN A 301 -17.19 7.67 1.95
CA ASN A 301 -17.73 6.49 2.62
C ASN A 301 -18.39 5.57 1.61
N SER A 302 -18.18 4.27 1.78
CA SER A 302 -18.68 3.26 0.84
C SER A 302 -19.75 2.38 1.48
N GLY A 303 -19.90 2.47 2.79
CA GLY A 303 -20.77 1.55 3.51
C GLY A 303 -20.04 0.30 4.00
N VAL A 304 -18.76 0.13 3.63
CA VAL A 304 -18.02 -1.09 3.94
C VAL A 304 -17.42 -0.90 5.32
N LYS A 305 -17.60 -1.91 6.17
CA LYS A 305 -17.08 -1.87 7.54
C LYS A 305 -15.54 -2.01 7.53
N PRO A 306 -14.84 -1.37 8.49
CA PRO A 306 -13.38 -1.48 8.53
C PRO A 306 -12.90 -2.93 8.70
N LEU A 307 -11.79 -3.26 8.03
CA LEU A 307 -11.22 -4.60 8.11
C LEU A 307 -10.71 -4.85 9.53
N ASP A 308 -11.16 -5.92 10.16
CA ASP A 308 -10.70 -6.19 11.52
C ASP A 308 -9.50 -7.12 11.53
N PHE A 309 -8.32 -6.57 11.80
CA PHE A 309 -7.08 -7.38 11.73
C PHE A 309 -6.97 -8.46 12.80
N CYS A 310 -7.77 -8.32 13.84
CA CYS A 310 -7.79 -9.29 14.94
C CYS A 310 -8.74 -10.42 14.65
N LYS A 311 -9.41 -10.35 13.51
CA LYS A 311 -10.32 -11.44 13.14
C LYS A 311 -9.99 -12.10 11.80
N LEU A 312 -8.69 -12.28 11.53
CA LEU A 312 -8.23 -12.76 10.25
C LEU A 312 -7.65 -14.17 10.31
N SER A 313 -7.70 -14.91 9.20
CA SER A 313 -6.84 -16.09 9.07
C SER A 313 -5.43 -15.58 8.87
N ALA A 314 -4.44 -16.40 9.21
CA ALA A 314 -3.06 -16.07 8.98
C ALA A 314 -2.81 -15.93 7.48
N LEU A 315 -2.04 -14.92 7.07
CA LEU A 315 -1.89 -14.66 5.64
C LEU A 315 -0.75 -15.43 5.03
N THR A 316 -1.02 -16.20 3.98
CA THR A 316 0.00 -17.01 3.32
C THR A 316 0.08 -16.77 1.82
N PHE A 317 1.18 -17.22 1.22
CA PHE A 317 1.46 -17.01 -0.20
C PHE A 317 2.15 -18.20 -0.79
N ALA A 318 1.98 -18.41 -2.10
CA ALA A 318 2.63 -19.52 -2.79
C ALA A 318 2.69 -19.23 -4.28
N ALA A 319 3.64 -19.85 -4.96
CA ALA A 319 3.77 -19.76 -6.40
C ALA A 319 2.78 -20.74 -7.07
N PRO A 320 2.06 -20.29 -8.12
CA PRO A 320 1.16 -21.18 -8.88
C PRO A 320 1.95 -22.27 -9.57
N ASP A 321 1.43 -23.49 -9.49
CA ASP A 321 1.98 -24.63 -10.21
C ASP A 321 1.17 -24.74 -11.48
N TYR A 322 1.82 -24.58 -12.64
CA TYR A 322 1.10 -24.63 -13.94
C TYR A 322 0.60 -26.03 -14.29
N ASP A 323 1.11 -27.06 -13.60
CA ASP A 323 0.52 -28.41 -13.72
C ASP A 323 -0.84 -28.42 -13.04
N ARG A 324 -1.00 -27.66 -11.98
CA ARG A 324 -2.27 -27.57 -11.27
C ARG A 324 -3.20 -26.55 -11.99
N TYR A 325 -2.60 -25.51 -12.54
CA TYR A 325 -3.39 -24.42 -13.17
C TYR A 325 -2.99 -24.17 -14.62
N PRO A 326 -3.17 -25.16 -15.52
CA PRO A 326 -2.77 -24.92 -16.89
C PRO A 326 -3.44 -23.71 -17.59
N CYS A 327 -4.68 -23.36 -17.21
CA CYS A 327 -5.37 -22.20 -17.81
C CYS A 327 -4.62 -20.88 -17.57
N LEU A 328 -3.97 -20.80 -16.42
CA LEU A 328 -3.17 -19.61 -16.06
C LEU A 328 -2.03 -19.46 -17.05
N LYS A 329 -1.30 -20.54 -17.24
CA LYS A 329 -0.22 -20.57 -18.22
C LYS A 329 -0.70 -20.27 -19.66
N LEU A 330 -1.85 -20.84 -20.05
CA LEU A 330 -2.47 -20.55 -21.38
C LEU A 330 -2.80 -19.09 -21.57
N ALA A 331 -3.34 -18.44 -20.53
CA ALA A 331 -3.59 -17.00 -20.59
C ALA A 331 -2.32 -16.20 -20.83
N MET A 332 -1.25 -16.53 -20.10
CA MET A 332 0.02 -15.82 -20.25
C MET A 332 0.59 -16.00 -21.66
N GLU A 333 0.54 -17.24 -22.18
CA GLU A 333 0.99 -17.56 -23.53
C GLU A 333 0.11 -16.88 -24.57
N ALA A 334 -1.22 -16.92 -24.36
CA ALA A 334 -2.17 -16.22 -25.23
C ALA A 334 -1.85 -14.72 -25.39
N PHE A 335 -1.52 -14.04 -24.29
CA PHE A 335 -1.14 -12.63 -24.37
C PHE A 335 -0.08 -12.37 -25.45
N GLU A 336 0.94 -13.22 -25.49
CA GLU A 336 2.08 -13.04 -26.43
C GLU A 336 1.64 -13.20 -27.88
N GLN A 337 0.56 -13.96 -28.09
CA GLN A 337 0.04 -14.19 -29.45
C GLN A 337 -0.93 -13.11 -29.89
N GLY A 338 -1.34 -12.23 -28.99
CA GLY A 338 -2.13 -11.07 -29.36
C GLY A 338 -3.61 -11.17 -29.02
N GLN A 339 -4.37 -10.17 -29.42
CA GLN A 339 -5.81 -10.05 -29.10
C GLN A 339 -6.63 -11.12 -29.79
N ALA A 340 -6.16 -11.68 -30.91
CA ALA A 340 -6.90 -12.80 -31.53
C ALA A 340 -6.88 -14.00 -30.55
N ALA A 341 -5.72 -14.28 -29.97
CA ALA A 341 -5.57 -15.40 -29.06
C ALA A 341 -6.27 -15.15 -27.72
N THR A 342 -6.13 -13.95 -27.13
CA THR A 342 -6.82 -13.74 -25.84
C THR A 342 -8.34 -13.74 -26.03
N THR A 343 -8.83 -13.16 -27.14
CA THR A 343 -10.26 -13.20 -27.42
C THR A 343 -10.74 -14.66 -27.61
N ALA A 344 -9.99 -15.44 -28.38
CA ALA A 344 -10.30 -16.87 -28.56
C ALA A 344 -10.31 -17.68 -27.27
N LEU A 345 -9.38 -17.42 -26.35
CA LEU A 345 -9.29 -18.14 -25.06
C LEU A 345 -10.49 -17.81 -24.21
N ASN A 346 -10.80 -16.52 -24.12
CA ASN A 346 -11.95 -16.09 -23.32
C ASN A 346 -13.24 -16.72 -23.82
N ALA A 347 -13.37 -16.78 -25.14
CA ALA A 347 -14.57 -17.29 -25.80
C ALA A 347 -14.64 -18.81 -25.61
N ALA A 348 -13.57 -19.53 -25.91
CA ALA A 348 -13.51 -20.98 -25.73
C ALA A 348 -13.85 -21.33 -24.27
N ASN A 349 -13.25 -20.60 -23.32
CA ASN A 349 -13.49 -20.84 -21.89
C ASN A 349 -14.95 -20.65 -21.48
N GLU A 350 -15.67 -19.69 -22.06
CA GLU A 350 -17.10 -19.59 -21.77
C GLU A 350 -17.83 -20.85 -22.16
N ILE A 351 -17.49 -21.34 -23.33
CA ILE A 351 -18.11 -22.57 -23.84
C ILE A 351 -17.74 -23.81 -23.02
N THR A 352 -16.44 -23.99 -22.77
CA THR A 352 -16.01 -25.19 -22.05
C THR A 352 -16.42 -25.17 -20.59
N VAL A 353 -16.36 -24.01 -19.92
CA VAL A 353 -16.91 -23.92 -18.55
C VAL A 353 -18.42 -24.28 -18.53
N ALA A 354 -19.20 -23.76 -19.49
CA ALA A 354 -20.65 -24.08 -19.52
C ALA A 354 -20.86 -25.59 -19.77
N ALA A 355 -20.02 -26.19 -20.61
CA ALA A 355 -20.08 -27.61 -20.90
C ALA A 355 -19.75 -28.46 -19.68
N PHE A 356 -18.71 -28.06 -18.95
CA PHE A 356 -18.38 -28.69 -17.67
C PHE A 356 -19.56 -28.59 -16.68
N LEU A 357 -20.14 -27.42 -16.57
CA LEU A 357 -21.22 -27.22 -15.62
C LEU A 357 -22.46 -28.07 -16.00
N ALA A 358 -22.63 -28.34 -17.31
CA ALA A 358 -23.74 -29.13 -17.85
C ALA A 358 -23.42 -30.64 -17.88
N GLN A 359 -22.26 -30.97 -17.30
CA GLN A 359 -21.77 -32.31 -17.16
C GLN A 359 -21.53 -32.97 -18.52
N GLN A 360 -21.11 -32.16 -19.50
CA GLN A 360 -20.77 -32.68 -20.84
C GLN A 360 -19.29 -33.07 -20.93
N ILE A 361 -18.46 -32.43 -20.12
CA ILE A 361 -17.01 -32.71 -20.09
C ILE A 361 -16.53 -32.71 -18.63
N ARG A 362 -15.27 -33.15 -18.43
CA ARG A 362 -14.64 -33.17 -17.11
C ARG A 362 -14.02 -31.84 -16.77
N PHE A 363 -13.78 -31.62 -15.47
CA PHE A 363 -13.14 -30.40 -14.99
C PHE A 363 -11.80 -30.13 -15.70
N THR A 364 -10.97 -31.15 -15.85
CA THR A 364 -9.72 -31.03 -16.55
C THR A 364 -9.82 -30.86 -18.08
N ASP A 365 -10.98 -31.15 -18.67
CA ASP A 365 -11.19 -30.89 -20.11
C ASP A 365 -11.35 -29.37 -20.43
N ILE A 366 -11.60 -28.55 -19.42
CA ILE A 366 -11.65 -27.09 -19.66
C ILE A 366 -10.31 -26.62 -20.21
N ALA A 367 -9.22 -26.86 -19.48
CA ALA A 367 -7.90 -26.47 -19.97
C ALA A 367 -7.53 -27.18 -21.27
N ALA A 368 -7.88 -28.47 -21.39
CA ALA A 368 -7.47 -29.24 -22.55
C ALA A 368 -8.17 -28.70 -23.81
N LEU A 369 -9.47 -28.50 -23.74
CA LEU A 369 -10.22 -27.95 -24.87
C LEU A 369 -9.94 -26.47 -25.13
N ASN A 370 -9.70 -25.68 -24.08
CA ASN A 370 -9.26 -24.28 -24.30
C ASN A 370 -7.99 -24.24 -25.19
N LEU A 371 -7.04 -25.14 -24.89
CA LEU A 371 -5.78 -25.23 -25.64
C LEU A 371 -6.05 -25.70 -27.07
N SER A 372 -6.87 -26.73 -27.21
CA SER A 372 -7.19 -27.28 -28.52
C SER A 372 -7.81 -26.19 -29.43
N VAL A 373 -8.69 -25.36 -28.87
CA VAL A 373 -9.29 -24.25 -29.64
C VAL A 373 -8.23 -23.27 -30.11
N LEU A 374 -7.37 -22.85 -29.20
CA LEU A 374 -6.28 -21.93 -29.56
C LEU A 374 -5.38 -22.46 -30.68
N GLU A 375 -5.06 -23.75 -30.59
CA GLU A 375 -4.25 -24.46 -31.60
C GLU A 375 -4.93 -24.46 -32.97
N LYS A 376 -6.24 -24.67 -32.99
CA LYS A 376 -6.94 -24.70 -34.25
C LYS A 376 -7.28 -23.33 -34.85
N MET A 377 -7.22 -22.27 -34.06
CA MET A 377 -7.51 -20.92 -34.55
C MET A 377 -6.37 -20.43 -35.41
N ASP A 378 -6.72 -19.65 -36.41
CA ASP A 378 -5.75 -19.15 -37.36
C ASP A 378 -6.26 -17.78 -37.74
N MET A 379 -6.43 -16.89 -36.75
CA MET A 379 -6.91 -15.55 -37.11
C MET A 379 -5.85 -14.44 -37.01
N ARG A 380 -6.02 -13.39 -37.81
CA ARG A 380 -5.10 -12.28 -37.85
C ARG A 380 -5.38 -11.39 -36.63
N GLU A 381 -4.41 -10.57 -36.23
CA GLU A 381 -4.65 -9.55 -35.17
C GLU A 381 -5.89 -8.75 -35.53
N PRO A 382 -6.88 -8.70 -34.62
CA PRO A 382 -8.01 -7.77 -34.80
C PRO A 382 -7.57 -6.31 -34.92
N GLN A 383 -8.26 -5.56 -35.79
CA GLN A 383 -7.89 -4.16 -36.04
C GLN A 383 -9.00 -3.23 -35.60
N CYS A 384 -10.15 -3.78 -35.21
CA CYS A 384 -11.27 -2.98 -34.72
C CYS A 384 -12.18 -3.89 -33.92
N VAL A 385 -13.17 -3.32 -33.21
CA VAL A 385 -14.06 -4.12 -32.34
C VAL A 385 -14.77 -5.19 -33.18
N ASP A 386 -15.14 -4.85 -34.43
CA ASP A 386 -15.87 -5.80 -35.25
C ASP A 386 -15.04 -7.05 -35.55
N ASP A 387 -13.75 -6.88 -35.81
CA ASP A 387 -12.83 -7.99 -35.96
C ASP A 387 -12.81 -8.84 -34.70
N VAL A 388 -12.77 -8.21 -33.53
CA VAL A 388 -12.81 -8.96 -32.23
C VAL A 388 -14.08 -9.79 -32.10
N LEU A 389 -15.23 -9.19 -32.43
CA LEU A 389 -16.51 -9.91 -32.33
C LEU A 389 -16.51 -11.16 -33.25
N SER A 390 -15.87 -11.02 -34.40
CA SER A 390 -15.73 -12.13 -35.35
C SER A 390 -14.80 -13.23 -34.81
N VAL A 391 -13.66 -12.86 -34.20
CA VAL A 391 -12.82 -13.88 -33.55
C VAL A 391 -13.63 -14.61 -32.46
N ASP A 392 -14.38 -13.85 -31.68
CA ASP A 392 -15.13 -14.40 -30.58
C ASP A 392 -16.17 -15.40 -31.12
N ALA A 393 -16.92 -15.03 -32.18
CA ALA A 393 -17.93 -15.94 -32.75
C ALA A 393 -17.30 -17.23 -33.25
N ASN A 394 -16.22 -17.08 -34.00
CA ASN A 394 -15.53 -18.22 -34.55
C ASN A 394 -14.95 -19.14 -33.50
N ALA A 395 -14.30 -18.59 -32.47
CA ALA A 395 -13.77 -19.38 -31.36
C ALA A 395 -14.87 -20.15 -30.60
N ARG A 396 -16.05 -19.54 -30.38
CA ARG A 396 -17.18 -20.25 -29.80
C ARG A 396 -17.59 -21.49 -30.62
N GLU A 397 -17.65 -21.36 -31.94
CA GLU A 397 -18.06 -22.47 -32.81
C GLU A 397 -17.01 -23.58 -32.78
N VAL A 398 -15.73 -23.20 -32.79
CA VAL A 398 -14.64 -24.17 -32.70
C VAL A 398 -14.73 -24.92 -31.35
N ALA A 399 -14.92 -24.17 -30.25
CA ALA A 399 -15.08 -24.76 -28.91
C ALA A 399 -16.31 -25.71 -28.77
N ARG A 400 -17.45 -25.30 -29.34
CA ARG A 400 -18.68 -26.11 -29.26
C ARG A 400 -18.47 -27.43 -29.98
N LYS A 401 -17.79 -27.34 -31.12
CA LYS A 401 -17.50 -28.54 -31.88
C LYS A 401 -16.52 -29.48 -31.16
N GLU A 402 -15.53 -28.91 -30.45
CA GLU A 402 -14.64 -29.70 -29.60
C GLU A 402 -15.38 -30.39 -28.45
N VAL A 403 -16.29 -29.65 -27.80
CA VAL A 403 -17.10 -30.22 -26.75
C VAL A 403 -17.95 -31.42 -27.27
N MET A 404 -18.62 -31.23 -28.41
CA MET A 404 -19.42 -32.28 -29.02
C MET A 404 -18.59 -33.49 -29.45
N ARG A 405 -17.36 -33.26 -29.90
CA ARG A 405 -16.48 -34.34 -30.32
C ARG A 405 -16.15 -35.19 -29.10
N LEU A 406 -15.88 -34.53 -27.98
CA LEU A 406 -15.49 -35.18 -26.75
C LEU A 406 -16.68 -35.87 -26.12
N ALA A 407 -17.83 -35.22 -26.14
CA ALA A 407 -19.03 -35.78 -25.51
C ALA A 407 -19.61 -36.96 -26.31
N SER A 408 -19.28 -37.03 -27.59
CA SER A 408 -19.81 -38.06 -28.45
C SER A 408 -18.86 -39.24 -28.66
N SER A 409 -17.60 -38.94 -28.96
CA SER A 409 -16.80 -39.85 -29.78
C SER A 409 -15.41 -40.20 -29.24
N ALA A 410 -14.38 -39.49 -29.71
CA ALA A 410 -12.98 -39.84 -29.45
C ALA A 410 -12.05 -38.62 -29.42
N GLY B 11 23.00 16.10 -8.87
CA GLY B 11 21.88 15.43 -8.17
C GLY B 11 21.48 16.25 -6.95
N LYS B 12 21.06 15.58 -5.88
CA LYS B 12 20.73 16.22 -4.63
C LYS B 12 22.01 16.33 -3.81
N GLN B 13 22.17 17.46 -3.13
CA GLN B 13 23.28 17.72 -2.22
C GLN B 13 22.84 17.40 -0.82
N LEU B 14 23.65 16.58 -0.14
CA LEU B 14 23.27 16.09 1.17
C LEU B 14 24.23 16.51 2.24
N THR B 15 23.65 16.87 3.38
CA THR B 15 24.39 16.85 4.63
C THR B 15 23.96 15.62 5.43
N ILE B 16 24.92 14.86 5.98
CA ILE B 16 24.57 13.71 6.81
C ILE B 16 24.99 13.99 8.27
N LEU B 17 23.98 14.15 9.11
CA LEU B 17 24.15 14.34 10.53
C LEU B 17 24.20 12.98 11.20
N GLY B 18 25.33 12.61 11.79
CA GLY B 18 25.46 11.28 12.37
C GLY B 18 25.89 10.26 11.32
N SER B 19 26.91 10.61 10.54
CA SER B 19 27.26 9.80 9.35
C SER B 19 27.90 8.48 9.69
N THR B 20 28.51 8.42 10.88
CA THR B 20 29.30 7.24 11.25
C THR B 20 28.50 6.14 11.93
N GLY B 21 27.26 6.43 12.28
CA GLY B 21 26.42 5.46 12.95
C GLY B 21 25.71 4.53 11.98
N SER B 22 24.77 3.74 12.52
CA SER B 22 24.07 2.76 11.72
C SER B 22 23.26 3.36 10.55
N ILE B 23 22.42 4.35 10.84
CA ILE B 23 21.63 4.99 9.80
C ILE B 23 22.53 5.77 8.82
N GLY B 24 23.49 6.51 9.37
CA GLY B 24 24.49 7.20 8.53
C GLY B 24 25.20 6.29 7.54
N CYS B 25 25.67 5.13 8.02
CA CYS B 25 26.32 4.14 7.14
C CYS B 25 25.37 3.59 6.07
N SER B 26 24.13 3.30 6.45
CA SER B 26 23.15 2.82 5.45
C SER B 26 22.83 3.92 4.41
N THR B 27 22.76 5.16 4.85
CA THR B 27 22.56 6.32 3.95
C THR B 27 23.68 6.38 2.91
N LEU B 28 24.91 6.29 3.38
CA LEU B 28 26.06 6.29 2.46
C LEU B 28 26.11 5.10 1.52
N ASP B 29 25.56 3.97 1.98
CA ASP B 29 25.40 2.83 1.05
C ASP B 29 24.40 3.13 -0.05
N VAL B 30 23.30 3.82 0.26
CA VAL B 30 22.39 4.28 -0.81
C VAL B 30 23.10 5.25 -1.78
N VAL B 31 23.88 6.19 -1.25
CA VAL B 31 24.66 7.06 -2.16
C VAL B 31 25.68 6.29 -3.00
N ARG B 32 26.33 5.29 -2.41
CA ARG B 32 27.25 4.38 -3.10
C ARG B 32 26.54 3.68 -4.29
N HIS B 33 25.26 3.33 -4.13
CA HIS B 33 24.51 2.70 -5.22
C HIS B 33 24.04 3.69 -6.28
N ASN B 34 24.04 4.98 -5.95
CA ASN B 34 23.48 6.05 -6.81
C ASN B 34 24.39 7.29 -6.92
N PRO B 35 25.66 7.08 -7.35
CA PRO B 35 26.65 8.16 -7.31
C PRO B 35 26.25 9.36 -8.16
N GLU B 36 25.45 9.14 -9.20
CA GLU B 36 25.04 10.23 -10.06
C GLU B 36 23.87 11.03 -9.53
N HIS B 37 23.17 10.50 -8.53
CA HIS B 37 21.98 11.19 -8.00
C HIS B 37 22.24 11.99 -6.73
N PHE B 38 23.34 11.71 -6.03
CA PHE B 38 23.58 12.30 -4.70
C PHE B 38 25.02 12.72 -4.55
N ARG B 39 25.21 13.95 -4.10
CA ARG B 39 26.52 14.50 -3.81
C ARG B 39 26.56 14.72 -2.30
N VAL B 40 27.53 14.12 -1.60
CA VAL B 40 27.71 14.38 -0.15
C VAL B 40 28.50 15.68 0.04
N VAL B 41 27.85 16.69 0.59
CA VAL B 41 28.51 17.99 0.85
C VAL B 41 29.16 18.04 2.22
N ALA B 42 28.50 17.46 3.22
CA ALA B 42 29.01 17.51 4.57
C ALA B 42 28.67 16.28 5.37
N LEU B 43 29.64 15.83 6.17
CA LEU B 43 29.44 14.74 7.10
C LEU B 43 29.66 15.29 8.48
N VAL B 44 28.82 14.87 9.41
CA VAL B 44 28.90 15.33 10.79
C VAL B 44 28.85 14.09 11.67
N ALA B 45 29.78 14.01 12.63
CA ALA B 45 29.73 12.92 13.59
C ALA B 45 30.22 13.34 14.96
N GLY B 46 30.45 12.35 15.82
CA GLY B 46 30.78 12.57 17.22
C GLY B 46 32.24 12.39 17.53
N LYS B 47 32.66 11.13 17.67
CA LYS B 47 34.04 10.75 18.02
C LYS B 47 34.67 9.66 17.14
N ASN B 48 33.92 9.06 16.19
CA ASN B 48 34.43 7.91 15.45
C ASN B 48 35.31 8.42 14.27
N VAL B 49 36.56 8.75 14.60
CA VAL B 49 37.51 9.32 13.63
C VAL B 49 37.86 8.32 12.55
N THR B 50 38.04 7.05 12.93
CA THR B 50 38.46 6.00 11.99
C THR B 50 37.44 5.85 10.84
N ARG B 51 36.16 5.69 11.22
CA ARG B 51 35.08 5.57 10.23
C ARG B 51 34.95 6.88 9.47
N MET B 52 34.98 8.01 10.19
CA MET B 52 34.90 9.32 9.49
C MET B 52 35.98 9.52 8.40
N VAL B 53 37.21 9.13 8.68
CA VAL B 53 38.27 9.26 7.66
C VAL B 53 37.88 8.46 6.40
N GLU B 54 37.45 7.24 6.60
CA GLU B 54 37.11 6.38 5.48
C GLU B 54 35.95 6.95 4.66
N GLN B 55 34.99 7.56 5.33
CA GLN B 55 33.87 8.18 4.65
C GLN B 55 34.33 9.44 3.90
N CYS B 56 35.21 10.26 4.48
CA CYS B 56 35.70 11.44 3.75
C CYS B 56 36.51 10.99 2.52
N LEU B 57 37.23 9.88 2.64
CA LEU B 57 38.07 9.42 1.50
C LEU B 57 37.24 8.85 0.36
N GLU B 58 36.09 8.27 0.68
CA GLU B 58 35.16 7.76 -0.33
C GLU B 58 34.25 8.80 -0.96
N PHE B 59 33.63 9.64 -0.15
CA PHE B 59 32.56 10.51 -0.63
C PHE B 59 32.95 11.96 -0.86
N SER B 60 34.20 12.29 -0.55
CA SER B 60 34.77 13.62 -0.91
C SER B 60 33.94 14.81 -0.45
N PRO B 61 33.50 14.83 0.84
CA PRO B 61 32.66 15.96 1.21
C PRO B 61 33.49 17.27 1.24
N ARG B 62 32.79 18.39 1.18
CA ARG B 62 33.40 19.70 1.33
C ARG B 62 33.83 19.94 2.79
N TYR B 63 32.99 19.48 3.72
CA TYR B 63 33.23 19.61 5.17
C TYR B 63 33.04 18.30 5.89
N ALA B 64 33.81 18.13 6.96
CA ALA B 64 33.62 17.07 7.93
C ALA B 64 33.68 17.71 9.32
N VAL B 65 32.67 17.43 10.15
CA VAL B 65 32.58 18.04 11.49
C VAL B 65 32.62 16.90 12.48
N MET B 66 33.47 17.02 13.51
CA MET B 66 33.35 16.15 14.67
C MET B 66 32.85 16.99 15.80
N ASP B 67 31.85 16.52 16.51
CA ASP B 67 31.36 17.28 17.68
C ASP B 67 32.49 17.46 18.71
N ASP B 68 33.26 16.39 18.91
CA ASP B 68 34.36 16.36 19.89
C ASP B 68 35.64 17.02 19.35
N GLU B 69 36.19 17.97 20.10
CA GLU B 69 37.32 18.74 19.55
C GLU B 69 38.62 17.90 19.37
N ALA B 70 38.97 17.04 20.34
CA ALA B 70 40.12 16.13 20.18
C ALA B 70 39.97 15.25 18.93
N SER B 71 38.73 14.80 18.69
CA SER B 71 38.38 13.98 17.52
C SER B 71 38.59 14.75 16.22
N ALA B 72 38.14 16.03 16.18
CA ALA B 72 38.29 16.90 15.03
C ALA B 72 39.79 17.15 14.70
N LYS B 73 40.58 17.39 15.75
CA LYS B 73 42.02 17.59 15.58
C LYS B 73 42.67 16.35 14.97
N LEU B 74 42.37 15.17 15.52
CA LEU B 74 42.88 13.92 15.00
C LEU B 74 42.42 13.64 13.55
N LEU B 75 41.15 13.92 13.24
CA LEU B 75 40.64 13.73 11.87
C LEU B 75 41.43 14.56 10.87
N LYS B 76 41.63 15.83 11.21
CA LYS B 76 42.40 16.76 10.37
C LYS B 76 43.81 16.22 10.07
N THR B 77 44.48 15.68 11.09
CA THR B 77 45.83 15.12 10.89
C THR B 77 45.79 13.91 9.97
N MET B 78 44.80 13.04 10.15
CA MET B 78 44.69 11.86 9.30
C MET B 78 44.36 12.18 7.85
N LEU B 79 43.40 13.10 7.62
CA LEU B 79 43.04 13.52 6.26
C LEU B 79 44.24 14.17 5.55
N GLN B 80 45.01 14.98 6.30
CA GLN B 80 46.23 15.61 5.78
C GLN B 80 47.25 14.58 5.33
N GLN B 81 47.55 13.61 6.19
CA GLN B 81 48.39 12.44 5.89
C GLN B 81 47.92 11.69 4.63
N GLN B 82 46.59 11.57 4.49
CA GLN B 82 45.95 10.88 3.37
C GLN B 82 45.75 11.76 2.13
N GLY B 83 46.14 13.03 2.21
CA GLY B 83 46.06 13.93 1.06
C GLY B 83 44.69 14.50 0.75
N SER B 84 43.74 14.33 1.67
CA SER B 84 42.41 14.91 1.46
C SER B 84 42.37 16.36 1.89
N ARG B 85 41.67 17.18 1.11
CA ARG B 85 41.43 18.59 1.37
C ARG B 85 40.04 18.90 1.98
N THR B 86 39.23 17.88 2.26
CA THR B 86 38.04 18.08 3.09
C THR B 86 38.38 19.00 4.31
N GLU B 87 37.60 20.06 4.49
CA GLU B 87 37.79 20.99 5.61
C GLU B 87 37.16 20.45 6.90
N VAL B 88 37.96 20.40 7.96
CA VAL B 88 37.50 19.81 9.21
C VAL B 88 37.05 20.92 10.16
N LEU B 89 35.87 20.73 10.74
CA LEU B 89 35.32 21.64 11.73
C LEU B 89 35.00 20.89 13.02
N SER B 90 34.71 21.62 14.09
CA SER B 90 34.35 20.98 15.32
C SER B 90 33.23 21.70 16.04
N GLY B 91 32.48 20.91 16.80
CA GLY B 91 31.51 21.44 17.77
C GLY B 91 30.12 21.68 17.23
N GLN B 92 29.23 22.14 18.11
CA GLN B 92 27.81 22.13 17.85
C GLN B 92 27.36 23.16 16.84
N GLN B 93 27.88 24.38 16.91
CA GLN B 93 27.54 25.38 15.91
C GLN B 93 27.91 24.93 14.50
N ALA B 94 29.10 24.31 14.34
CA ALA B 94 29.52 23.77 13.03
C ALA B 94 28.50 22.75 12.48
N ALA B 95 28.00 21.89 13.34
CA ALA B 95 27.09 20.86 12.93
C ALA B 95 25.80 21.51 12.45
N CYS B 96 25.31 22.52 13.18
CA CYS B 96 24.10 23.26 12.76
C CYS B 96 24.33 24.01 11.45
N ASP B 97 25.53 24.55 11.27
CA ASP B 97 25.86 25.29 10.05
C ASP B 97 25.79 24.36 8.86
N MET B 98 26.28 23.13 9.00
CA MET B 98 26.22 22.15 7.91
C MET B 98 24.77 21.82 7.56
N ALA B 99 23.94 21.76 8.59
CA ALA B 99 22.53 21.44 8.38
C ALA B 99 21.82 22.58 7.68
N ALA B 100 22.43 23.77 7.71
CA ALA B 100 21.80 24.95 7.18
C ALA B 100 22.47 25.42 5.89
N LEU B 101 23.46 24.71 5.38
CA LEU B 101 24.18 25.19 4.18
C LEU B 101 23.25 25.55 3.03
N GLU B 102 23.44 26.75 2.46
CA GLU B 102 22.60 27.27 1.39
C GLU B 102 22.38 26.26 0.26
N ASP B 103 23.45 25.59 -0.15
CA ASP B 103 23.39 24.75 -1.35
C ASP B 103 22.86 23.33 -1.09
N VAL B 104 22.75 22.92 0.18
CA VAL B 104 22.26 21.54 0.40
C VAL B 104 20.74 21.43 0.21
N ASP B 105 20.31 20.29 -0.31
CA ASP B 105 18.89 20.01 -0.56
C ASP B 105 18.29 19.23 0.60
N GLN B 106 19.04 18.25 1.08
CA GLN B 106 18.50 17.24 2.02
C GLN B 106 19.45 17.11 3.18
N VAL B 107 18.89 16.93 4.35
CA VAL B 107 19.70 16.69 5.54
C VAL B 107 19.24 15.37 6.18
N MET B 108 20.15 14.40 6.27
CA MET B 108 19.82 13.14 6.95
C MET B 108 20.03 13.43 8.43
N ALA B 109 18.93 13.50 9.18
CA ALA B 109 19.01 13.78 10.63
C ALA B 109 19.13 12.48 11.44
N ALA B 110 20.36 12.03 11.67
CA ALA B 110 20.59 10.74 12.26
C ALA B 110 21.58 10.79 13.44
N ILE B 111 21.68 11.94 14.10
CA ILE B 111 22.38 12.03 15.40
C ILE B 111 21.50 11.38 16.43
N VAL B 112 22.10 10.62 17.33
CA VAL B 112 21.39 9.95 18.44
C VAL B 112 21.23 10.91 19.64
N GLY B 113 20.09 10.85 20.33
CA GLY B 113 19.90 11.52 21.61
C GLY B 113 19.60 13.01 21.46
N ALA B 114 19.63 13.73 22.58
CA ALA B 114 19.24 15.15 22.62
C ALA B 114 20.23 16.00 21.84
N ALA B 115 21.42 15.48 21.60
CA ALA B 115 22.43 16.16 20.75
C ALA B 115 21.94 16.35 19.32
N GLY B 116 20.97 15.56 18.88
CA GLY B 116 20.43 15.70 17.52
C GLY B 116 19.49 16.87 17.35
N LEU B 117 19.05 17.46 18.48
CA LEU B 117 17.96 18.43 18.47
C LEU B 117 18.31 19.74 17.77
N LEU B 118 19.36 20.42 18.24
CA LEU B 118 19.69 21.70 17.63
C LEU B 118 20.13 21.58 16.17
N PRO B 119 20.98 20.61 15.81
CA PRO B 119 21.29 20.50 14.35
C PRO B 119 20.05 20.20 13.51
N THR B 120 19.14 19.37 14.00
CA THR B 120 17.91 19.08 13.26
C THR B 120 17.05 20.32 13.11
N LEU B 121 16.88 21.05 14.21
CA LEU B 121 16.15 22.32 14.18
C LEU B 121 16.74 23.32 13.17
N ALA B 122 18.08 23.39 13.08
CA ALA B 122 18.78 24.26 12.11
C ALA B 122 18.39 23.95 10.67
N ALA B 123 18.30 22.66 10.38
CA ALA B 123 17.87 22.20 9.08
C ALA B 123 16.40 22.61 8.84
N ILE B 124 15.55 22.39 9.84
CA ILE B 124 14.16 22.80 9.74
C ILE B 124 14.00 24.31 9.48
N ARG B 125 14.66 25.13 10.32
CA ARG B 125 14.65 26.60 10.17
C ARG B 125 15.16 27.06 8.79
N ALA B 126 16.09 26.29 8.20
CA ALA B 126 16.60 26.57 6.86
C ALA B 126 15.72 26.06 5.70
N GLY B 127 14.59 25.42 6.03
CA GLY B 127 13.59 25.01 5.08
C GLY B 127 14.06 23.80 4.29
N LYS B 128 14.99 23.04 4.85
CA LYS B 128 15.56 21.91 4.13
C LYS B 128 14.55 20.75 4.09
N THR B 129 14.80 19.81 3.17
CA THR B 129 14.16 18.52 3.18
C THR B 129 14.90 17.71 4.25
N ILE B 130 14.14 17.24 5.24
CA ILE B 130 14.69 16.59 6.39
C ILE B 130 14.38 15.10 6.32
N LEU B 131 15.41 14.28 6.19
CA LEU B 131 15.27 12.83 6.30
C LEU B 131 15.37 12.52 7.79
N LEU B 132 14.23 12.40 8.44
CA LEU B 132 14.19 12.44 9.88
C LEU B 132 14.36 11.04 10.47
N ALA B 133 15.49 10.84 11.13
CA ALA B 133 15.82 9.62 11.89
C ALA B 133 16.37 9.86 13.29
N ASN B 134 16.13 10.99 13.92
CA ASN B 134 16.55 11.24 15.31
C ASN B 134 15.25 11.11 16.10
N LYS B 135 15.22 10.24 17.12
CA LYS B 135 13.94 9.99 17.86
C LYS B 135 13.51 11.18 18.72
N GLU B 136 14.46 11.88 19.33
CA GLU B 136 14.10 12.94 20.27
C GLU B 136 13.39 14.11 19.61
N SER B 137 13.66 14.31 18.31
CA SER B 137 13.08 15.45 17.59
C SER B 137 11.56 15.51 17.81
N LEU B 138 10.85 14.38 17.60
CA LEU B 138 9.40 14.40 17.78
C LEU B 138 8.91 13.82 19.09
N VAL B 139 9.67 12.91 19.68
CA VAL B 139 9.30 12.36 21.00
C VAL B 139 9.37 13.46 22.08
N THR B 140 10.36 14.34 21.97
CA THR B 140 10.54 15.38 22.98
C THR B 140 10.16 16.74 22.49
N CYS B 141 10.38 17.02 21.22
CA CYS B 141 10.19 18.36 20.67
C CYS B 141 9.09 18.45 19.59
N GLY B 142 8.14 17.51 19.60
CA GLY B 142 7.14 17.42 18.54
C GLY B 142 6.38 18.72 18.25
N ARG B 143 5.97 19.41 19.31
CA ARG B 143 5.16 20.61 19.12
C ARG B 143 6.05 21.73 18.56
N LEU B 144 7.23 21.86 19.12
CA LEU B 144 8.16 22.93 18.73
C LEU B 144 8.65 22.70 17.32
N PHE B 145 8.91 21.43 16.96
CA PHE B 145 9.42 21.13 15.62
C PHE B 145 8.33 21.18 14.54
N MET B 146 7.12 20.73 14.85
CA MET B 146 6.06 20.80 13.84
C MET B 146 5.69 22.26 13.55
N ASP B 147 5.67 23.07 14.61
CA ASP B 147 5.49 24.53 14.50
C ASP B 147 6.56 25.15 13.62
N ALA B 148 7.82 24.79 13.87
CA ALA B 148 8.95 25.28 13.07
C ALA B 148 8.85 24.85 11.58
N VAL B 149 8.44 23.60 11.36
CA VAL B 149 8.23 23.07 10.02
C VAL B 149 7.16 23.85 9.25
N LYS B 150 5.99 24.07 9.85
CA LYS B 150 4.95 24.91 9.24
C LYS B 150 5.47 26.29 8.88
N GLN B 151 6.21 26.91 9.79
CA GLN B 151 6.79 28.24 9.55
C GLN B 151 7.74 28.28 8.34
N SER B 152 8.71 27.36 8.30
CA SER B 152 9.73 27.37 7.25
C SER B 152 9.31 26.63 5.99
N LYS B 153 8.24 25.84 6.07
CA LYS B 153 7.78 24.96 4.99
C LYS B 153 8.72 23.78 4.65
N ALA B 154 9.71 23.54 5.52
CA ALA B 154 10.53 22.35 5.46
C ALA B 154 9.67 21.08 5.17
N GLN B 155 10.20 20.18 4.35
CA GLN B 155 9.57 18.89 4.09
C GLN B 155 10.21 17.82 4.98
N LEU B 156 9.40 17.21 5.87
CA LEU B 156 9.88 16.06 6.63
C LEU B 156 9.54 14.79 5.87
N LEU B 157 10.50 13.87 5.86
CA LEU B 157 10.34 12.57 5.28
C LEU B 157 10.87 11.61 6.34
N PRO B 158 9.97 10.83 6.97
CA PRO B 158 10.44 10.01 8.08
C PRO B 158 11.19 8.78 7.60
N VAL B 159 12.29 8.51 8.28
CA VAL B 159 13.19 7.43 7.90
C VAL B 159 12.88 6.13 8.68
N ASP B 160 12.38 6.25 9.90
CA ASP B 160 12.01 5.09 10.73
C ASP B 160 11.05 4.19 9.92
N SER B 161 11.22 2.89 9.99
CA SER B 161 10.56 1.97 9.02
C SER B 161 9.01 2.08 9.08
N GLU B 162 8.48 2.13 10.30
CA GLU B 162 7.03 2.20 10.52
C GLU B 162 6.44 3.51 9.95
N HIS B 163 7.03 4.66 10.32
CA HIS B 163 6.58 5.97 9.85
C HIS B 163 6.75 6.12 8.36
N ASN B 164 7.83 5.59 7.83
CA ASN B 164 8.06 5.60 6.37
C ASN B 164 7.00 4.79 5.64
N ALA B 165 6.71 3.60 6.17
CA ALA B 165 5.59 2.75 5.65
C ALA B 165 4.28 3.51 5.67
N ILE B 166 3.97 4.15 6.78
CA ILE B 166 2.77 5.03 6.87
C ILE B 166 2.79 6.16 5.82
N PHE B 167 3.91 6.88 5.76
CA PHE B 167 4.06 7.92 4.74
C PHE B 167 3.81 7.39 3.29
N GLN B 168 4.43 6.26 2.95
CA GLN B 168 4.21 5.65 1.62
C GLN B 168 2.75 5.31 1.33
N SER B 169 1.98 5.10 2.41
CA SER B 169 0.58 4.59 2.36
C SER B 169 -0.45 5.73 2.51
N LEU B 170 0.05 6.96 2.49
CA LEU B 170 -0.77 8.15 2.65
C LEU B 170 -0.92 8.90 1.33
N PRO B 171 -2.02 9.67 1.17
CA PRO B 171 -2.20 10.31 -0.12
C PRO B 171 -1.27 11.50 -0.29
N GLN B 172 -1.07 11.86 -1.56
CA GLN B 172 -0.19 12.96 -1.94
C GLN B 172 -0.39 14.28 -1.23
N PRO B 173 -1.63 14.76 -1.07
CA PRO B 173 -1.78 16.01 -0.31
C PRO B 173 -1.29 15.95 1.14
N ILE B 174 -1.28 14.75 1.74
CA ILE B 174 -0.71 14.60 3.11
C ILE B 174 0.81 14.56 3.05
N GLN B 175 1.37 13.72 2.17
CA GLN B 175 2.82 13.65 1.98
C GLN B 175 3.48 15.04 1.77
N HIS B 176 2.90 15.84 0.87
CA HIS B 176 3.32 17.23 0.70
C HIS B 176 2.49 17.81 1.83
N ASN B 177 2.97 18.74 2.60
CA ASN B 177 2.18 19.18 3.78
C ASN B 177 2.19 18.26 5.00
N LEU B 178 3.28 17.51 5.17
CA LEU B 178 3.36 16.48 6.21
C LEU B 178 3.51 17.11 7.55
N GLY B 179 2.51 16.94 8.39
CA GLY B 179 2.51 17.56 9.70
C GLY B 179 1.40 18.57 9.92
N TYR B 180 0.88 19.13 8.84
CA TYR B 180 -0.21 20.12 8.92
C TYR B 180 -1.50 19.79 8.14
N ALA B 181 -1.43 18.82 7.23
CA ALA B 181 -2.60 18.33 6.52
C ALA B 181 -3.66 17.72 7.45
N ASP B 182 -4.91 17.72 6.99
CA ASP B 182 -5.99 17.14 7.73
C ASP B 182 -6.25 15.72 7.21
N LEU B 183 -6.15 14.74 8.12
CA LEU B 183 -6.37 13.34 7.75
C LEU B 183 -7.79 13.08 7.24
N GLU B 184 -8.80 13.49 8.01
CA GLU B 184 -10.20 13.23 7.67
C GLU B 184 -10.61 13.83 6.30
N GLN B 185 -10.13 15.05 6.05
CA GLN B 185 -10.41 15.80 4.82
C GLN B 185 -9.79 15.07 3.63
N ASN B 186 -8.77 14.26 3.90
CA ASN B 186 -8.06 13.53 2.84
C ASN B 186 -8.41 12.05 2.81
N GLY B 187 -9.53 11.71 3.43
CA GLY B 187 -10.06 10.38 3.38
C GLY B 187 -9.46 9.33 4.29
N VAL B 188 -8.64 9.75 5.25
CA VAL B 188 -7.92 8.84 6.11
C VAL B 188 -8.70 8.67 7.40
N VAL B 189 -8.98 7.41 7.76
CA VAL B 189 -9.70 7.09 8.99
C VAL B 189 -8.73 6.94 10.16
N SER B 190 -7.62 6.23 9.93
CA SER B 190 -6.64 6.02 10.98
C SER B 190 -5.31 5.51 10.45
N ILE B 191 -4.32 5.56 11.34
CA ILE B 191 -2.93 5.13 11.09
C ILE B 191 -2.74 3.87 11.88
N LEU B 192 -2.30 2.80 11.20
CA LEU B 192 -2.14 1.52 11.82
C LEU B 192 -0.66 1.26 12.05
N LEU B 193 -0.23 1.47 13.29
CA LEU B 193 1.16 1.37 13.67
C LEU B 193 1.44 -0.08 14.15
N THR B 194 2.27 -0.82 13.42
CA THR B 194 2.50 -2.22 13.70
C THR B 194 3.83 -2.45 14.46
N GLY B 195 3.82 -3.43 15.37
CA GLY B 195 5.00 -3.75 16.21
C GLY B 195 5.10 -5.25 16.43
N SER B 196 6.33 -5.77 16.61
CA SER B 196 6.54 -7.21 16.69
C SER B 196 5.97 -7.83 17.95
N GLY B 197 5.81 -7.04 19.01
CA GLY B 197 5.40 -7.60 20.32
C GLY B 197 6.58 -8.11 21.15
N GLY B 198 7.76 -8.19 20.56
CA GLY B 198 8.97 -8.58 21.32
C GLY B 198 9.13 -10.07 21.63
N PRO B 199 10.23 -10.42 22.33
CA PRO B 199 10.45 -11.85 22.63
C PRO B 199 9.46 -12.47 23.62
N PHE B 200 8.71 -11.66 24.37
CA PHE B 200 7.81 -12.13 25.46
C PHE B 200 6.35 -11.99 25.12
N ARG B 201 6.08 -11.90 23.81
CA ARG B 201 4.71 -11.90 23.30
C ARG B 201 3.83 -13.00 23.90
N GLU B 202 4.39 -14.21 24.04
CA GLU B 202 3.59 -15.36 24.54
C GLU B 202 4.02 -15.89 25.93
N THR B 203 4.96 -15.21 26.57
CA THR B 203 5.40 -15.56 27.93
C THR B 203 4.27 -15.39 28.95
N PRO B 204 4.07 -16.40 29.85
CA PRO B 204 3.09 -16.20 30.95
C PRO B 204 3.41 -14.92 31.68
N LEU B 205 2.41 -14.12 32.02
CA LEU B 205 2.70 -12.85 32.67
C LEU B 205 3.51 -13.02 33.95
N ARG B 206 3.29 -14.15 34.65
CA ARG B 206 3.97 -14.47 35.94
C ARG B 206 5.49 -14.54 35.83
N ASP B 207 5.95 -14.89 34.63
CA ASP B 207 7.36 -15.07 34.35
C ASP B 207 8.10 -13.80 33.92
N LEU B 208 7.37 -12.73 33.65
CA LEU B 208 8.00 -11.48 33.19
C LEU B 208 8.92 -10.86 34.23
N ALA B 209 8.56 -10.97 35.50
CA ALA B 209 9.37 -10.39 36.58
C ALA B 209 10.75 -10.99 36.71
N THR B 210 10.93 -12.22 36.23
CA THR B 210 12.24 -12.86 36.30
C THR B 210 13.03 -12.98 34.98
N MET B 211 12.56 -12.33 33.91
CA MET B 211 13.32 -12.35 32.66
C MET B 211 14.69 -11.65 32.85
N THR B 212 15.71 -12.28 32.28
CA THR B 212 17.08 -11.80 32.38
C THR B 212 17.36 -10.81 31.22
N PRO B 213 18.38 -9.95 31.34
CA PRO B 213 18.79 -9.13 30.20
C PRO B 213 19.09 -9.93 28.94
N ASP B 214 19.74 -11.10 29.07
CA ASP B 214 20.03 -11.88 27.88
C ASP B 214 18.76 -12.40 27.22
N GLN B 215 17.74 -12.73 28.01
CA GLN B 215 16.43 -13.13 27.47
C GLN B 215 15.65 -11.98 26.82
N ALA B 216 15.65 -10.82 27.48
CA ALA B 216 14.96 -9.64 26.92
C ALA B 216 15.57 -9.18 25.60
N CYS B 217 16.88 -9.35 25.48
CA CYS B 217 17.59 -8.88 24.30
C CYS B 217 17.58 -9.89 23.18
N ARG B 218 17.11 -11.10 23.46
CA ARG B 218 17.11 -12.17 22.47
C ARG B 218 15.79 -12.17 21.69
N HIS B 219 15.68 -11.21 20.79
CA HIS B 219 14.53 -11.13 19.92
C HIS B 219 14.60 -12.29 18.90
N PRO B 220 13.49 -13.04 18.77
CA PRO B 220 13.40 -14.21 17.85
C PRO B 220 13.62 -13.88 16.37
N ASN B 221 13.51 -12.59 16.01
CA ASN B 221 13.56 -12.17 14.61
C ASN B 221 14.32 -10.83 14.35
N TRP B 222 15.40 -10.54 15.10
CA TRP B 222 16.01 -9.19 15.02
C TRP B 222 17.56 -8.92 15.09
N SER B 223 18.27 -9.29 16.15
CA SER B 223 19.73 -8.91 16.24
C SER B 223 20.05 -7.41 16.18
N MET B 224 19.57 -6.65 17.16
CA MET B 224 19.90 -5.24 17.28
C MET B 224 20.58 -5.01 18.61
N GLY B 225 20.80 -3.74 18.94
CA GLY B 225 21.44 -3.41 20.19
C GLY B 225 20.52 -3.69 21.37
N ARG B 226 21.09 -3.73 22.57
CA ARG B 226 20.39 -4.18 23.75
C ARG B 226 19.29 -3.20 24.11
N LYS B 227 19.58 -1.89 24.07
CA LYS B 227 18.60 -0.89 24.51
C LYS B 227 17.30 -1.03 23.71
N ILE B 228 17.43 -1.02 22.39
CA ILE B 228 16.25 -1.09 21.54
C ILE B 228 15.58 -2.48 21.58
N SER B 229 16.37 -3.52 21.83
CA SER B 229 15.81 -4.86 21.98
C SER B 229 14.91 -4.92 23.22
N VAL B 230 15.35 -4.35 24.33
CA VAL B 230 14.52 -4.20 25.54
C VAL B 230 13.25 -3.36 25.30
N ASP B 231 13.38 -2.20 24.63
CA ASP B 231 12.22 -1.38 24.21
C ASP B 231 11.21 -2.14 23.34
N SER B 232 11.69 -3.06 22.53
CA SER B 232 10.79 -3.96 21.76
C SER B 232 10.08 -4.94 22.70
N ALA B 233 10.80 -5.45 23.69
CA ALA B 233 10.23 -6.41 24.66
C ALA B 233 9.12 -5.78 25.54
N THR B 234 9.28 -4.50 25.87
CA THR B 234 8.29 -3.80 26.71
C THR B 234 7.22 -3.06 25.90
N MET B 235 7.45 -3.00 24.59
CA MET B 235 6.72 -2.12 23.63
C MET B 235 6.87 -0.62 23.90
N MET B 236 7.87 -0.27 24.69
CA MET B 236 8.25 1.17 24.77
C MET B 236 8.61 1.71 23.40
N ASN B 237 9.23 0.86 22.57
CA ASN B 237 9.65 1.34 21.24
C ASN B 237 8.44 1.78 20.44
N LYS B 238 7.39 0.97 20.42
CA LYS B 238 6.12 1.34 19.78
C LYS B 238 5.43 2.52 20.47
N GLY B 239 5.55 2.62 21.80
CA GLY B 239 4.99 3.79 22.50
C GLY B 239 5.67 5.08 22.01
N LEU B 240 7.00 5.05 21.86
CA LEU B 240 7.71 6.25 21.40
C LEU B 240 7.33 6.51 19.95
N GLU B 241 7.24 5.47 19.13
CA GLU B 241 6.80 5.67 17.72
C GLU B 241 5.34 6.18 17.67
N TYR B 242 4.52 5.78 18.64
CA TYR B 242 3.12 6.30 18.74
C TYR B 242 3.12 7.82 18.90
N ILE B 243 3.94 8.30 19.84
CA ILE B 243 4.18 9.76 20.06
C ILE B 243 4.65 10.47 18.78
N GLU B 244 5.70 9.96 18.14
CA GLU B 244 6.16 10.57 16.86
C GLU B 244 5.09 10.57 15.77
N ALA B 245 4.37 9.46 15.61
CA ALA B 245 3.34 9.33 14.59
C ALA B 245 2.23 10.34 14.77
N ARG B 246 1.78 10.56 16.03
CA ARG B 246 0.75 11.56 16.25
C ARG B 246 1.16 12.96 15.78
N TRP B 247 2.40 13.37 16.07
CA TRP B 247 2.97 14.62 15.53
C TRP B 247 3.15 14.63 14.02
N LEU B 248 3.82 13.61 13.51
CA LEU B 248 4.13 13.53 12.09
C LEU B 248 2.86 13.56 11.24
N PHE B 249 1.85 12.80 11.63
CA PHE B 249 0.68 12.58 10.78
C PHE B 249 -0.55 13.41 11.18
N ASN B 250 -0.41 14.25 12.21
CA ASN B 250 -1.50 15.11 12.68
C ASN B 250 -2.69 14.23 13.08
N ALA B 251 -2.40 13.15 13.83
CA ALA B 251 -3.37 12.13 14.19
C ALA B 251 -3.81 12.29 15.65
N SER B 252 -5.12 12.29 15.88
CA SER B 252 -5.64 12.33 17.25
C SER B 252 -5.55 10.90 17.80
N ALA B 253 -5.83 10.72 19.08
CA ALA B 253 -5.86 9.38 19.67
C ALA B 253 -6.76 8.40 18.92
N SER B 254 -7.95 8.88 18.51
CA SER B 254 -8.91 8.00 17.83
C SER B 254 -8.47 7.66 16.39
N GLN B 255 -7.49 8.38 15.85
CA GLN B 255 -6.99 8.09 14.51
C GLN B 255 -5.73 7.22 14.55
N MET B 256 -5.44 6.63 15.70
CA MET B 256 -4.24 5.79 15.87
C MET B 256 -4.67 4.43 16.30
N GLU B 257 -4.14 3.39 15.65
CA GLU B 257 -4.33 2.04 16.14
C GLU B 257 -2.96 1.37 16.22
N VAL B 258 -2.72 0.64 17.28
CA VAL B 258 -1.45 -0.13 17.43
C VAL B 258 -1.81 -1.60 17.30
N LEU B 259 -1.06 -2.32 16.50
CA LEU B 259 -1.35 -3.71 16.24
C LEU B 259 -0.09 -4.48 16.38
N ILE B 260 -0.14 -5.62 17.07
CA ILE B 260 1.02 -6.50 17.12
C ILE B 260 0.98 -7.28 15.80
N HIS B 261 2.11 -7.31 15.11
CA HIS B 261 2.32 -8.12 13.90
C HIS B 261 3.67 -8.82 14.05
N PRO B 262 3.69 -10.06 14.59
CA PRO B 262 4.92 -10.74 14.97
C PRO B 262 6.00 -10.92 13.91
N GLN B 263 5.61 -11.02 12.64
CA GLN B 263 6.52 -11.36 11.57
C GLN B 263 7.25 -10.14 10.99
N SER B 264 6.74 -8.95 11.33
CA SER B 264 7.33 -7.67 10.92
C SER B 264 7.51 -7.54 9.40
N VAL B 265 6.63 -8.19 8.65
CA VAL B 265 6.71 -8.11 7.18
C VAL B 265 5.98 -6.86 6.71
N ILE B 266 4.73 -6.69 7.15
CA ILE B 266 4.05 -5.41 7.02
C ILE B 266 4.71 -4.47 8.00
N HIS B 267 5.03 -3.27 7.52
CA HIS B 267 5.78 -2.32 8.31
C HIS B 267 4.92 -1.27 9.00
N SER B 268 3.74 -0.98 8.42
CA SER B 268 2.64 -0.24 9.04
C SER B 268 1.61 0.08 7.94
N MET B 269 0.44 0.63 8.29
CA MET B 269 -0.65 0.69 7.32
C MET B 269 -1.45 1.96 7.56
N VAL B 270 -2.34 2.27 6.61
CA VAL B 270 -3.25 3.42 6.69
C VAL B 270 -4.63 2.98 6.25
N ARG B 271 -5.63 3.28 7.07
CA ARG B 271 -7.01 2.90 6.84
C ARG B 271 -7.75 4.11 6.24
N TYR B 272 -8.57 3.81 5.24
CA TYR B 272 -9.25 4.84 4.44
C TYR B 272 -10.76 4.73 4.57
N GLN B 273 -11.41 5.86 4.26
CA GLN B 273 -12.84 6.08 4.40
C GLN B 273 -13.72 5.03 3.66
N ASP B 274 -13.22 4.51 2.54
CA ASP B 274 -14.00 3.58 1.74
C ASP B 274 -13.82 2.14 2.17
N GLY B 275 -12.98 1.89 3.20
CA GLY B 275 -12.68 0.52 3.56
C GLY B 275 -11.27 0.03 3.24
N SER B 276 -10.62 0.67 2.27
CA SER B 276 -9.29 0.31 1.81
C SER B 276 -8.27 0.44 2.94
N VAL B 277 -7.33 -0.48 2.98
CA VAL B 277 -6.19 -0.31 3.87
C VAL B 277 -4.98 -0.38 2.98
N LEU B 278 -4.12 0.64 2.98
CA LEU B 278 -2.87 0.55 2.22
C LEU B 278 -1.73 0.24 3.20
N ALA B 279 -0.75 -0.55 2.75
CA ALA B 279 0.33 -1.00 3.61
C ALA B 279 1.61 -1.00 2.82
N GLN B 280 2.74 -0.92 3.53
CA GLN B 280 4.04 -1.11 2.90
C GLN B 280 4.67 -2.32 3.56
N LEU B 281 5.29 -3.16 2.74
CA LEU B 281 5.94 -4.39 3.18
C LEU B 281 7.34 -4.38 2.61
N GLY B 282 8.23 -5.14 3.22
CA GLY B 282 9.56 -5.32 2.61
C GLY B 282 10.47 -6.13 3.50
N GLU B 283 11.70 -6.32 3.04
CA GLU B 283 12.79 -6.88 3.87
C GLU B 283 13.06 -5.99 5.06
N PRO B 284 13.63 -6.58 6.14
CA PRO B 284 14.02 -5.80 7.30
C PRO B 284 15.41 -5.17 7.10
N ASP B 285 15.45 -4.07 6.36
CA ASP B 285 16.69 -3.45 5.94
C ASP B 285 16.38 -1.97 5.83
N MET B 286 17.05 -1.18 6.66
CA MET B 286 16.86 0.28 6.70
C MET B 286 17.19 1.04 5.40
N ARG B 287 17.95 0.42 4.52
CA ARG B 287 18.19 1.04 3.20
C ARG B 287 16.95 1.29 2.40
N THR B 288 15.93 0.45 2.57
CA THR B 288 14.66 0.69 1.87
C THR B 288 14.01 2.02 2.27
N PRO B 289 13.59 2.21 3.55
CA PRO B 289 13.05 3.55 3.85
C PRO B 289 14.02 4.72 3.62
N ILE B 290 15.32 4.55 3.89
CA ILE B 290 16.32 5.65 3.59
C ILE B 290 16.28 6.07 2.12
N ALA B 291 16.36 5.08 1.21
CA ALA B 291 16.33 5.30 -0.23
C ALA B 291 15.01 5.88 -0.66
N HIS B 292 13.90 5.50 -0.01
CA HIS B 292 12.62 6.12 -0.31
C HIS B 292 12.64 7.64 -0.02
N THR B 293 13.12 8.01 1.16
CA THR B 293 13.17 9.43 1.56
C THR B 293 14.16 10.24 0.69
N MET B 294 15.28 9.63 0.33
CA MET B 294 16.27 10.28 -0.51
C MET B 294 15.79 10.53 -1.93
N ALA B 295 15.05 9.59 -2.49
CA ALA B 295 14.60 9.69 -3.88
C ALA B 295 13.26 10.39 -4.07
N TRP B 296 12.45 10.46 -3.00
CA TRP B 296 11.08 10.95 -3.09
C TRP B 296 11.01 12.27 -3.88
N PRO B 297 10.01 12.42 -4.77
CA PRO B 297 8.87 11.48 -5.03
C PRO B 297 9.13 10.38 -6.06
N ASN B 298 10.39 10.22 -6.46
CA ASN B 298 10.82 9.13 -7.32
C ASN B 298 11.42 7.99 -6.49
N ARG B 299 12.05 7.02 -7.16
CA ARG B 299 12.61 5.82 -6.50
C ARG B 299 14.04 5.62 -6.98
N VAL B 300 14.88 5.00 -6.15
CA VAL B 300 16.21 4.51 -6.56
C VAL B 300 16.45 3.08 -6.05
N ASN B 301 17.46 2.39 -6.60
CA ASN B 301 17.96 1.10 -6.09
C ASN B 301 18.62 1.36 -4.77
N SER B 302 18.34 0.48 -3.81
CA SER B 302 18.79 0.67 -2.46
C SER B 302 19.82 -0.40 -2.10
N GLY B 303 20.02 -1.38 -2.98
CA GLY B 303 20.79 -2.57 -2.66
C GLY B 303 20.00 -3.66 -1.93
N VAL B 304 18.73 -3.39 -1.57
CA VAL B 304 17.96 -4.34 -0.78
C VAL B 304 17.33 -5.32 -1.74
N LYS B 305 17.38 -6.59 -1.38
CA LYS B 305 16.85 -7.65 -2.23
C LYS B 305 15.31 -7.67 -2.19
N PRO B 306 14.67 -8.13 -3.28
CA PRO B 306 13.18 -8.16 -3.35
C PRO B 306 12.59 -9.14 -2.32
N LEU B 307 11.54 -8.70 -1.62
CA LEU B 307 10.86 -9.55 -0.67
C LEU B 307 10.33 -10.79 -1.39
N ASP B 308 10.70 -11.97 -0.91
CA ASP B 308 10.23 -13.20 -1.53
C ASP B 308 9.01 -13.71 -0.78
N PHE B 309 7.84 -13.55 -1.38
CA PHE B 309 6.59 -13.93 -0.67
C PHE B 309 6.40 -15.45 -0.47
N CYS B 310 7.20 -16.24 -1.18
CA CYS B 310 7.18 -17.72 -1.04
C CYS B 310 8.07 -18.24 0.09
N LYS B 311 8.84 -17.35 0.72
CA LYS B 311 9.69 -17.71 1.86
C LYS B 311 9.32 -16.93 3.14
N LEU B 312 8.03 -16.76 3.38
CA LEU B 312 7.56 -16.02 4.54
C LEU B 312 6.94 -16.91 5.58
N SER B 313 7.00 -16.47 6.85
CA SER B 313 6.13 -17.01 7.88
C SER B 313 4.72 -16.45 7.63
N ALA B 314 3.70 -17.17 8.08
CA ALA B 314 2.32 -16.72 7.94
C ALA B 314 2.11 -15.41 8.71
N LEU B 315 1.40 -14.45 8.12
CA LEU B 315 1.29 -13.12 8.77
C LEU B 315 0.11 -13.11 9.71
N THR B 316 0.38 -12.77 10.97
CA THR B 316 -0.67 -12.68 11.99
C THR B 316 -0.70 -11.31 12.66
N PHE B 317 -1.79 -11.02 13.35
CA PHE B 317 -2.00 -9.71 13.98
C PHE B 317 -2.73 -9.96 15.30
N ALA B 318 -2.54 -9.05 16.25
CA ALA B 318 -3.19 -9.14 17.55
C ALA B 318 -3.23 -7.77 18.19
N ALA B 319 -4.22 -7.56 19.06
CA ALA B 319 -4.33 -6.33 19.83
C ALA B 319 -3.36 -6.44 21.02
N PRO B 320 -2.61 -5.35 21.30
CA PRO B 320 -1.68 -5.35 22.43
C PRO B 320 -2.43 -5.34 23.74
N ASP B 321 -1.97 -6.16 24.67
CA ASP B 321 -2.60 -6.25 25.98
C ASP B 321 -1.77 -5.36 26.89
N TYR B 322 -2.36 -4.26 27.36
CA TYR B 322 -1.67 -3.32 28.23
C TYR B 322 -1.18 -3.89 29.59
N ASP B 323 -1.69 -5.06 29.99
CA ASP B 323 -1.15 -5.76 31.18
C ASP B 323 0.20 -6.35 30.85
N ARG B 324 0.37 -6.72 29.58
CA ARG B 324 1.64 -7.31 29.13
C ARG B 324 2.65 -6.21 28.75
N TYR B 325 2.13 -5.09 28.25
CA TYR B 325 2.92 -3.99 27.77
C TYR B 325 2.47 -2.68 28.40
N PRO B 326 2.62 -2.53 29.74
CA PRO B 326 2.30 -1.24 30.36
C PRO B 326 3.03 -0.01 29.80
N CYS B 327 4.26 -0.16 29.30
CA CYS B 327 4.99 0.97 28.69
C CYS B 327 4.28 1.54 27.47
N LEU B 328 3.60 0.70 26.71
CA LEU B 328 2.82 1.22 25.55
C LEU B 328 1.71 2.14 26.01
N LYS B 329 0.99 1.71 27.05
CA LYS B 329 -0.10 2.54 27.62
C LYS B 329 0.42 3.82 28.24
N LEU B 330 1.52 3.73 28.98
CA LEU B 330 2.15 4.92 29.57
C LEU B 330 2.49 5.99 28.51
N ALA B 331 3.08 5.56 27.38
CA ALA B 331 3.40 6.45 26.28
C ALA B 331 2.17 7.15 25.68
N MET B 332 1.11 6.38 25.43
CA MET B 332 -0.16 6.94 24.93
C MET B 332 -0.69 8.00 25.92
N GLU B 333 -0.67 7.66 27.20
CA GLU B 333 -1.11 8.60 28.25
C GLU B 333 -0.19 9.81 28.32
N ALA B 334 1.13 9.56 28.28
CA ALA B 334 2.11 10.66 28.27
C ALA B 334 1.83 11.66 27.17
N PHE B 335 1.50 11.19 25.96
CA PHE B 335 1.22 12.11 24.85
C PHE B 335 0.16 13.16 25.24
N GLU B 336 -0.88 12.70 25.93
CA GLU B 336 -2.01 13.56 26.31
C GLU B 336 -1.58 14.58 27.36
N GLN B 337 -0.60 14.22 28.17
CA GLN B 337 -0.07 15.15 29.17
C GLN B 337 0.86 16.18 28.53
N GLY B 338 1.38 15.91 27.34
CA GLY B 338 2.19 16.94 26.63
C GLY B 338 3.66 16.60 26.56
N GLN B 339 4.47 17.48 25.98
CA GLN B 339 5.92 17.23 25.75
C GLN B 339 6.78 17.06 26.99
N ALA B 340 6.34 17.61 28.14
CA ALA B 340 7.10 17.42 29.39
C ALA B 340 6.97 15.95 29.77
N ALA B 341 5.76 15.41 29.65
CA ALA B 341 5.55 14.02 29.96
C ALA B 341 6.24 13.06 28.98
N THR B 342 6.16 13.34 27.67
CA THR B 342 6.83 12.46 26.71
C THR B 342 8.36 12.51 26.84
N THR B 343 8.90 13.70 27.08
CA THR B 343 10.33 13.89 27.33
C THR B 343 10.79 13.17 28.59
N ALA B 344 10.03 13.30 29.66
CA ALA B 344 10.32 12.63 30.93
C ALA B 344 10.31 11.11 30.79
N LEU B 345 9.32 10.58 30.05
CA LEU B 345 9.17 9.16 29.82
C LEU B 345 10.39 8.63 29.06
N ASN B 346 10.72 9.27 27.95
CA ASN B 346 11.90 8.86 27.14
C ASN B 346 13.19 8.81 27.98
N ALA B 347 13.38 9.86 28.80
CA ALA B 347 14.59 10.01 29.61
C ALA B 347 14.59 8.96 30.70
N ALA B 348 13.45 8.79 31.38
CA ALA B 348 13.33 7.80 32.47
C ALA B 348 13.58 6.41 31.93
N ASN B 349 13.03 6.15 30.76
CA ASN B 349 13.18 4.83 30.15
C ASN B 349 14.65 4.53 29.81
N GLU B 350 15.41 5.53 29.38
CA GLU B 350 16.83 5.29 29.18
C GLU B 350 17.53 4.83 30.47
N ILE B 351 17.19 5.49 31.58
CA ILE B 351 17.77 5.19 32.88
C ILE B 351 17.36 3.77 33.36
N THR B 352 16.07 3.46 33.27
CA THR B 352 15.55 2.19 33.77
C THR B 352 15.97 1.01 32.92
N VAL B 353 15.96 1.15 31.58
CA VAL B 353 16.48 0.10 30.74
C VAL B 353 17.94 -0.18 31.05
N ALA B 354 18.75 0.88 31.17
CA ALA B 354 20.18 0.70 31.49
C ALA B 354 20.37 -0.03 32.83
N ALA B 355 19.57 0.33 33.82
CA ALA B 355 19.55 -0.31 35.15
C ALA B 355 19.18 -1.80 35.03
N PHE B 356 18.13 -2.10 34.25
CA PHE B 356 17.80 -3.51 33.96
C PHE B 356 18.95 -4.30 33.36
N LEU B 357 19.61 -3.72 32.35
CA LEU B 357 20.70 -4.37 31.66
C LEU B 357 21.92 -4.55 32.58
N ALA B 358 22.07 -3.66 33.57
CA ALA B 358 23.11 -3.75 34.59
C ALA B 358 22.74 -4.67 35.74
N GLN B 359 21.57 -5.30 35.65
CA GLN B 359 21.07 -6.20 36.65
C GLN B 359 20.76 -5.52 37.99
N GLN B 360 20.47 -4.23 37.94
CA GLN B 360 20.09 -3.47 39.12
C GLN B 360 18.60 -3.56 39.43
N ILE B 361 17.80 -3.85 38.41
CA ILE B 361 16.35 -3.97 38.59
C ILE B 361 15.82 -5.09 37.68
N ARG B 362 14.58 -5.47 37.94
CA ARG B 362 13.91 -6.53 37.20
C ARG B 362 13.28 -5.99 35.91
N PHE B 363 13.01 -6.89 34.97
CA PHE B 363 12.38 -6.54 33.70
C PHE B 363 11.11 -5.71 33.89
N THR B 364 10.26 -6.15 34.81
CA THR B 364 8.98 -5.48 35.06
C THR B 364 9.13 -4.20 35.87
N ASP B 365 10.30 -3.97 36.46
CA ASP B 365 10.55 -2.67 37.11
C ASP B 365 10.70 -1.50 36.14
N ILE B 366 11.10 -1.78 34.90
CA ILE B 366 11.23 -0.75 33.87
C ILE B 366 9.90 0.02 33.77
N ALA B 367 8.81 -0.68 33.49
CA ALA B 367 7.52 0.01 33.41
C ALA B 367 7.09 0.63 34.72
N ALA B 368 7.30 -0.10 35.83
CA ALA B 368 6.98 0.43 37.18
C ALA B 368 7.72 1.74 37.52
N LEU B 369 9.03 1.80 37.28
CA LEU B 369 9.77 3.03 37.59
C LEU B 369 9.54 4.13 36.56
N ASN B 370 9.36 3.77 35.28
CA ASN B 370 8.91 4.78 34.30
C ASN B 370 7.64 5.52 34.76
N LEU B 371 6.65 4.77 35.29
CA LEU B 371 5.39 5.35 35.77
C LEU B 371 5.66 6.26 36.98
N SER B 372 6.47 5.71 37.89
CA SER B 372 6.83 6.36 39.12
C SER B 372 7.47 7.73 38.84
N VAL B 373 8.33 7.81 37.82
CA VAL B 373 8.97 9.10 37.46
C VAL B 373 7.94 10.11 36.98
N LEU B 374 7.07 9.68 36.07
CA LEU B 374 6.03 10.53 35.53
C LEU B 374 5.10 11.05 36.65
N GLU B 375 4.78 10.19 37.62
CA GLU B 375 3.90 10.54 38.76
C GLU B 375 4.52 11.62 39.64
N LYS B 376 5.84 11.55 39.78
CA LYS B 376 6.60 12.44 40.64
C LYS B 376 6.85 13.82 40.04
N MET B 377 6.58 14.01 38.76
CA MET B 377 7.16 15.16 38.07
C MET B 377 6.41 16.47 37.81
N ASP B 378 5.09 16.46 37.61
CA ASP B 378 4.45 17.70 37.10
C ASP B 378 5.48 18.77 36.63
N MET B 379 5.96 18.68 35.39
CA MET B 379 6.67 19.83 34.81
C MET B 379 5.71 20.49 33.80
N ARG B 380 5.88 21.79 33.55
CA ARG B 380 4.98 22.49 32.61
C ARG B 380 5.45 22.29 31.17
N GLU B 381 4.54 22.45 30.21
CA GLU B 381 4.88 22.28 28.80
C GLU B 381 6.13 23.08 28.38
N PRO B 382 7.15 22.41 27.81
CA PRO B 382 8.33 23.11 27.30
C PRO B 382 7.97 24.13 26.23
N GLN B 383 8.68 25.24 26.23
CA GLN B 383 8.43 26.33 25.28
C GLN B 383 9.59 26.49 24.29
N CYS B 384 10.66 25.74 24.51
CA CYS B 384 11.86 25.84 23.67
C CYS B 384 12.75 24.64 23.99
N VAL B 385 13.78 24.44 23.17
CA VAL B 385 14.70 23.30 23.33
C VAL B 385 15.39 23.28 24.70
N ASP B 386 15.88 24.44 25.17
CA ASP B 386 16.42 24.53 26.54
C ASP B 386 15.46 23.95 27.60
N ASP B 387 14.16 24.23 27.46
CA ASP B 387 13.16 23.69 28.37
C ASP B 387 13.04 22.19 28.33
N VAL B 388 13.10 21.63 27.12
CA VAL B 388 13.09 20.15 27.02
C VAL B 388 14.36 19.51 27.56
N LEU B 389 15.52 20.12 27.31
CA LEU B 389 16.78 19.63 27.89
C LEU B 389 16.67 19.62 29.41
N SER B 390 15.99 20.62 29.95
CA SER B 390 15.84 20.73 31.41
C SER B 390 14.97 19.64 31.98
N VAL B 391 13.81 19.39 31.33
CA VAL B 391 12.93 18.28 31.69
C VAL B 391 13.68 16.95 31.58
N ASP B 392 14.37 16.73 30.46
CA ASP B 392 15.16 15.52 30.27
C ASP B 392 16.14 15.30 31.46
N ALA B 393 16.90 16.34 31.81
CA ALA B 393 17.88 16.25 32.90
C ALA B 393 17.23 15.96 34.26
N ASN B 394 16.17 16.67 34.58
CA ASN B 394 15.44 16.39 35.83
C ASN B 394 14.84 14.96 35.86
N ALA B 395 14.24 14.53 34.75
CA ALA B 395 13.66 13.18 34.66
C ALA B 395 14.68 12.09 34.92
N ARG B 396 15.91 12.27 34.43
CA ARG B 396 16.95 11.25 34.59
C ARG B 396 17.37 11.12 36.07
N GLU B 397 17.48 12.27 36.73
CA GLU B 397 17.82 12.29 38.15
C GLU B 397 16.75 11.64 39.03
N VAL B 398 15.48 11.97 38.80
CA VAL B 398 14.37 11.26 39.45
C VAL B 398 14.50 9.75 39.23
N ALA B 399 14.68 9.34 37.97
CA ALA B 399 14.81 7.93 37.63
C ALA B 399 15.98 7.24 38.34
N ARG B 400 17.15 7.88 38.36
CA ARG B 400 18.35 7.27 38.92
C ARG B 400 18.16 7.04 40.42
N LYS B 401 17.50 7.98 41.07
CA LYS B 401 17.16 7.86 42.49
C LYS B 401 16.14 6.73 42.75
N GLU B 402 15.17 6.60 41.83
CA GLU B 402 14.18 5.52 41.93
C GLU B 402 14.85 4.15 41.79
N VAL B 403 15.74 4.03 40.81
CA VAL B 403 16.59 2.85 40.68
C VAL B 403 17.40 2.57 41.97
N MET B 404 18.01 3.61 42.55
CA MET B 404 18.86 3.43 43.73
C MET B 404 18.05 2.98 44.94
N ARG B 405 16.85 3.55 45.10
CA ARG B 405 15.92 3.21 46.18
C ARG B 405 15.54 1.73 46.11
N LEU B 406 15.22 1.29 44.88
CA LEU B 406 14.78 -0.06 44.56
C LEU B 406 15.90 -1.03 44.83
N ALA B 407 17.07 -0.75 44.26
CA ALA B 407 18.28 -1.53 44.46
C ALA B 407 18.86 -1.42 45.89
N SER B 408 18.41 -0.41 46.64
CA SER B 408 18.72 -0.26 48.08
C SER B 408 17.96 -1.24 48.97
PA NDP C . -24.24 -8.92 -14.05
O1A NDP C . -24.49 -10.08 -14.90
O2A NDP C . -24.60 -8.88 -12.61
O5B NDP C . -24.81 -7.58 -14.76
C5B NDP C . -24.63 -7.36 -16.15
C4B NDP C . -25.30 -6.02 -16.41
O4B NDP C . -25.22 -5.81 -17.80
C3B NDP C . -26.80 -6.09 -16.07
O3B NDP C . -27.28 -4.80 -15.68
C2B NDP C . -27.41 -6.46 -17.41
O2B NDP C . -28.73 -6.00 -17.52
C1B NDP C . -26.52 -5.63 -18.33
N9A NDP C . -26.51 -6.05 -19.73
C8A NDP C . -26.35 -7.33 -20.26
N7A NDP C . -26.36 -7.21 -21.61
C5A NDP C . -26.53 -5.91 -21.94
C6A NDP C . -26.62 -5.22 -23.15
N6A NDP C . -26.70 -5.88 -24.31
N1A NDP C . -26.79 -3.86 -23.14
C2A NDP C . -26.89 -3.14 -21.96
N3A NDP C . -26.81 -3.82 -20.76
C4A NDP C . -26.62 -5.17 -20.75
O3 NDP C . -22.63 -8.73 -14.14
PN NDP C . -21.73 -7.98 -12.99
O1N NDP C . -21.42 -9.03 -11.96
O2N NDP C . -22.24 -6.64 -12.58
O5D NDP C . -20.40 -7.78 -13.85
C5D NDP C . -20.32 -6.74 -14.82
C4D NDP C . -18.95 -6.81 -15.52
O4D NDP C . -17.98 -6.48 -14.56
C3D NDP C . -18.61 -8.21 -16.06
O3D NDP C . -17.92 -8.10 -17.30
C2D NDP C . -17.73 -8.79 -14.95
O2D NDP C . -16.77 -9.67 -15.44
C1D NDP C . -17.04 -7.54 -14.41
N1N NDP C . -16.56 -7.66 -13.01
C2N NDP C . -17.40 -8.17 -12.06
C3N NDP C . -17.08 -8.14 -10.72
C7N NDP C . -18.03 -8.71 -9.71
O7N NDP C . -17.58 -8.81 -8.39
N7N NDP C . -19.28 -9.06 -10.04
C4N NDP C . -15.78 -7.51 -10.24
C5N NDP C . -14.95 -6.97 -11.37
C6N NDP C . -15.36 -7.07 -12.68
P2B NDP C . -30.01 -6.90 -17.16
O1X NDP C . -29.65 -7.67 -15.91
O2X NDP C . -31.08 -5.86 -16.87
O3X NDP C . -30.38 -7.82 -18.29
C1 SYE D . -12.38 -11.90 -1.97
C2 SYE D . -12.12 -12.13 -3.32
C3 SYE D . -12.04 -13.42 -3.84
C4 SYE D . -12.22 -14.53 -2.98
C5 SYE D . -12.51 -14.31 -1.64
C6 SYE D . -12.59 -13.01 -1.11
N11 SYE D . -11.77 -13.62 -5.16
C12 SYE D . -11.67 -14.87 -5.68
C13 SYE D . -11.86 -16.00 -4.87
C14 SYE D . -12.13 -15.84 -3.50
C17 SYE D . -11.39 -15.03 -7.15
P18 SYE D . -9.70 -15.56 -7.44
O21 SYE D . -8.75 -14.75 -6.63
O22 SYE D . -9.53 -15.48 -9.06
O23 SYE D . -9.68 -17.12 -7.05
PA NDP E . 24.18 5.34 16.27
O1A NDP E . 24.38 5.37 17.70
O2A NDP E . 24.62 4.13 15.52
O5B NDP E . 24.80 6.64 15.56
C5B NDP E . 24.71 7.88 16.20
C4B NDP E . 25.44 8.86 15.28
O4B NDP E . 25.36 10.09 15.97
C3B NDP E . 26.92 8.52 15.15
O3B NDP E . 27.42 8.95 13.86
C2B NDP E . 27.54 9.33 16.26
O2B NDP E . 28.89 9.70 16.03
C1B NDP E . 26.69 10.58 16.17
N9A NDP E . 26.72 11.51 17.32
C8A NDP E . 26.52 11.22 18.67
N7A NDP E . 26.58 12.39 19.37
C5A NDP E . 26.78 13.40 18.49
C6A NDP E . 26.94 14.78 18.64
N6A NDP E . 26.95 15.33 19.86
N1A NDP E . 27.13 15.56 17.53
C2A NDP E . 27.20 15.01 16.27
N3A NDP E . 27.07 13.65 16.10
C4A NDP E . 26.88 12.85 17.20
O3 NDP E . 22.61 5.63 16.08
PN NDP E . 21.62 5.12 14.90
O1N NDP E . 21.09 3.78 15.20
O2N NDP E . 22.13 5.46 13.54
O5D NDP E . 20.35 6.05 15.19
C5D NDP E . 20.30 7.42 14.82
C4D NDP E . 18.94 8.00 15.22
O4D NDP E . 17.96 7.33 14.43
C3D NDP E . 18.59 7.74 16.70
O3D NDP E . 17.87 8.86 17.26
C2D NDP E . 17.74 6.47 16.60
O2D NDP E . 16.83 6.40 17.68
C1D NDP E . 17.01 6.67 15.26
N1N NDP E . 16.45 5.47 14.58
C2N NDP E . 17.22 4.35 14.37
C3N NDP E . 16.92 3.36 13.46
C7N NDP E . 17.86 2.18 13.34
O7N NDP E . 17.39 1.06 12.67
N7N NDP E . 19.08 2.18 13.85
C4N NDP E . 15.70 3.47 12.58
C5N NDP E . 14.94 4.73 12.82
C6N NDP E . 15.31 5.65 13.81
P2B NDP E . 30.11 8.78 16.48
O1X NDP E . 29.74 7.33 16.37
O2X NDP E . 31.25 9.16 15.57
O3X NDP E . 30.57 9.14 17.88
C1 SYE F . 11.86 -5.78 11.16
C2 SYE F . 11.62 -4.82 12.15
C3 SYE F . 11.59 -5.23 13.50
C4 SYE F . 11.79 -6.58 13.85
C5 SYE F . 12.03 -7.52 12.85
C6 SYE F . 12.06 -7.12 11.51
N11 SYE F . 11.37 -4.30 14.47
C12 SYE F . 11.33 -4.64 15.78
C13 SYE F . 11.54 -5.97 16.17
C14 SYE F . 11.74 -6.96 15.20
C17 SYE F . 11.08 -3.49 16.80
P18 SYE F . 9.30 -3.43 17.32
O21 SYE F . 8.36 -3.60 16.17
O22 SYE F . 9.11 -2.12 18.17
O23 SYE F . 9.13 -4.74 18.29
#